data_8TW3
#
_entry.id   8TW3
#
_cell.length_a   80.260
_cell.length_b   115.610
_cell.length_c   158.030
_cell.angle_alpha   90.00
_cell.angle_beta   90.00
_cell.angle_gamma   90.00
#
_symmetry.space_group_name_H-M   'P 21 21 21'
#
loop_
_entity.id
_entity.type
_entity.pdbx_description
1 polymer 'Single domain antibody sdHMPV12'
2 polymer 'Single domain antibody sdHMPV16'
3 polymer 'Fusion glycoprotein'
4 non-polymer 2-acetamido-2-deoxy-beta-D-glucopyranose
#
loop_
_entity_poly.entity_id
_entity_poly.type
_entity_poly.pdbx_seq_one_letter_code
_entity_poly.pdbx_strand_id
1 'polypeptide(L)'
;MDWTWRVFCLLAVAPGAHSQVQLQESGGGLVQPGGSLRLSCAASGVSLAWYAIGWFRQAPGKDREGISCISASDDSTYYR
DSVKGRVTISRDNGRNTVLLQMNSLKPEDTAVYYCATLRANYCSGPPTLGPYLGQGTQVTVSSGSLEVLFQGPGHHHHHH
HHSAWSHPQFEKGGGSGGGGSGGSAWSHPQFEK
;
A,Y
2 'polypeptide(L)'
;MDWTWRVFCLLAVAPGAHSQVQLQESGGGSVQPGDSLRLSCAASGRTNLMGWFRQAPGKERDFVAAIRWSTRTTGYADSV
KGRFSISRDNAKNTVYLQMNSLQPEDTAVYYCAADVGGSYSSMYYARNYDAWGQGTQVTVSSGSLEVLFQGPGHHHHHHH
HSAWSHPQFEKGGGSGGGGSGGSAWSHPQFEK
;
B,Z
3 'polypeptide(L)'
;MSWKVVIIFSLLITPQHGLKESYLEESCSTITEGYLSVLRTGWYTNVFTLEVGDVENLTCADGPSLIKTELDLTKSALRE
LRTVSADQLAREEQIENPRQSRFVLGAIALGVATAAAVTAGVAIAKTIRLESEVTAIKNALKKTNEAVSTLGNGVRVLAT
AVRELKDFVSKNLTRAINKNKCDIPDLKMAVSFSQFNRRFLNVVRQFSDNAGITPAISLDLMTDAELARAVSNMPTSAGQ
IKLMLENRAMVRRKGFGILIGVYGSSVIYMVQLPIFGVIDTPCWIVKAAPSCSEKKGNYACLLREDQGWYCQNAGSTVYY
PNEKDCETRGDHVFCDTAAGINVAEQSKECNINISTTNYPCKVSTGRHPISMVALSPLGALVACYKGVSCSIGSNRVGII
KQLNKGCSYITNQDADTVTIDNTVYQLSKVEGEQHVIKGRPVSSSFDPVKFPEDQFNVALDQVFESIENSQALVDQSNRI
LSSAEKGNTGGGGSLEVLFQGPGHHHHHHHHSAWSHPQFEKGGGSGGGGSGGSAWSHPQFEK
;
F,X
#
# COMPACT_ATOMS: atom_id res chain seq x y z
N GLN A 20 12.17 -17.25 22.05
CA GLN A 20 11.54 -15.91 22.19
C GLN A 20 11.44 -15.53 23.67
N VAL A 21 10.69 -16.32 24.42
CA VAL A 21 10.50 -16.11 25.86
C VAL A 21 10.82 -17.41 26.57
N GLN A 22 11.83 -17.38 27.44
CA GLN A 22 12.26 -18.55 28.19
C GLN A 22 11.88 -18.30 29.65
N LEU A 23 10.81 -18.96 30.10
CA LEU A 23 10.38 -18.84 31.48
C LEU A 23 11.22 -19.76 32.36
N GLN A 24 11.69 -19.23 33.48
CA GLN A 24 12.50 -19.97 34.43
C GLN A 24 11.88 -19.83 35.81
N GLU A 25 11.70 -20.96 36.49
CA GLU A 25 11.11 -21.02 37.81
C GLU A 25 12.19 -21.31 38.84
N SER A 26 12.08 -20.68 39.99
CA SER A 26 13.03 -20.85 41.08
C SER A 26 12.30 -20.77 42.40
N GLY A 27 13.00 -21.09 43.48
CA GLY A 27 12.47 -20.91 44.82
C GLY A 27 11.94 -22.15 45.49
N GLY A 28 11.89 -23.28 44.79
CA GLY A 28 11.38 -24.50 45.37
C GLY A 28 12.41 -25.19 46.24
N GLY A 29 11.99 -26.32 46.82
CA GLY A 29 12.88 -27.09 47.65
C GLY A 29 12.10 -27.94 48.64
N LEU A 30 12.80 -28.41 49.66
CA LEU A 30 12.22 -29.25 50.69
C LEU A 30 11.76 -28.38 51.86
N VAL A 31 10.62 -28.76 52.45
CA VAL A 31 10.08 -28.07 53.61
C VAL A 31 9.30 -29.07 54.45
N GLN A 32 9.16 -28.76 55.74
CA GLN A 32 8.36 -29.58 56.62
C GLN A 32 6.91 -29.14 56.58
N PRO A 33 5.97 -30.02 56.96
CA PRO A 33 4.56 -29.62 56.98
C PRO A 33 4.37 -28.31 57.72
N GLY A 34 3.59 -27.41 57.13
CA GLY A 34 3.37 -26.10 57.69
C GLY A 34 4.37 -25.05 57.27
N GLY A 35 5.43 -25.44 56.57
CA GLY A 35 6.44 -24.50 56.14
C GLY A 35 5.95 -23.61 55.01
N SER A 36 6.81 -22.66 54.65
CA SER A 36 6.50 -21.66 53.64
C SER A 36 7.51 -21.74 52.50
N LEU A 37 7.17 -21.10 51.38
CA LEU A 37 8.02 -21.10 50.21
C LEU A 37 7.69 -19.88 49.36
N ARG A 38 8.68 -19.44 48.58
CA ARG A 38 8.52 -18.29 47.69
C ARG A 38 9.04 -18.70 46.32
N LEU A 39 8.13 -19.15 45.45
CA LEU A 39 8.50 -19.50 44.09
C LEU A 39 8.45 -18.25 43.21
N SER A 40 9.32 -18.21 42.22
CA SER A 40 9.47 -17.04 41.36
C SER A 40 9.56 -17.48 39.90
N CYS A 41 8.91 -16.71 39.03
CA CYS A 41 8.86 -16.97 37.60
C CYS A 41 9.44 -15.75 36.90
N ALA A 42 10.51 -15.95 36.13
CA ALA A 42 11.18 -14.86 35.44
C ALA A 42 11.42 -15.22 33.98
N ALA A 43 11.66 -14.20 33.17
CA ALA A 43 11.96 -14.37 31.75
C ALA A 43 13.19 -13.55 31.41
N SER A 44 14.27 -14.22 31.02
CA SER A 44 15.52 -13.54 30.73
C SER A 44 15.34 -12.51 29.62
N GLY A 45 15.46 -11.22 29.96
CA GLY A 45 15.35 -10.16 28.98
C GLY A 45 13.94 -9.79 28.58
N VAL A 46 12.92 -10.30 29.28
CA VAL A 46 11.54 -9.99 28.96
C VAL A 46 10.79 -9.73 30.26
N SER A 47 10.18 -8.56 30.37
CA SER A 47 9.36 -8.22 31.52
C SER A 47 7.98 -8.87 31.38
N LEU A 48 7.61 -9.67 32.38
CA LEU A 48 6.30 -10.32 32.41
C LEU A 48 5.20 -9.39 32.92
N ALA A 49 5.44 -8.08 32.93
CA ALA A 49 4.51 -7.15 33.55
C ALA A 49 3.11 -7.28 32.96
N TRP A 50 3.02 -7.38 31.63
CA TRP A 50 1.74 -7.44 30.94
C TRP A 50 1.44 -8.83 30.39
N TYR A 51 2.07 -9.86 30.94
CA TYR A 51 1.73 -11.24 30.65
C TYR A 51 0.75 -11.74 31.72
N ALA A 52 -0.33 -12.36 31.29
CA ALA A 52 -1.16 -13.15 32.20
C ALA A 52 -0.39 -14.41 32.53
N ILE A 53 -0.02 -14.58 33.79
CA ILE A 53 0.87 -15.67 34.18
C ILE A 53 0.08 -16.68 35.00
N GLY A 54 0.49 -17.95 34.91
CA GLY A 54 -0.18 -19.00 35.64
C GLY A 54 0.80 -19.96 36.27
N TRP A 55 0.48 -20.43 37.47
CA TRP A 55 1.24 -21.46 38.16
C TRP A 55 0.42 -22.76 38.11
N PHE A 56 0.98 -23.76 37.44
CA PHE A 56 0.45 -25.11 37.38
C PHE A 56 1.33 -26.02 38.21
N ARG A 57 0.82 -27.21 38.55
CA ARG A 57 1.62 -28.17 39.29
C ARG A 57 1.30 -29.57 38.86
N GLN A 58 2.35 -30.39 38.76
CA GLN A 58 2.26 -31.81 38.41
C GLN A 58 2.64 -32.61 39.67
N ALA A 59 1.66 -33.29 40.25
CA ALA A 59 1.87 -34.09 41.44
C ALA A 59 2.03 -35.55 41.08
N PRO A 60 2.76 -36.32 41.90
CA PRO A 60 2.92 -37.74 41.58
C PRO A 60 1.59 -38.47 41.64
N GLY A 61 1.26 -39.16 40.54
CA GLY A 61 0.06 -39.94 40.45
C GLY A 61 -1.15 -39.20 39.90
N LYS A 62 -1.20 -37.89 40.05
CA LYS A 62 -2.33 -37.08 39.65
C LYS A 62 -2.06 -36.40 38.32
N ASP A 63 -3.08 -35.73 37.81
CA ASP A 63 -2.98 -34.99 36.55
C ASP A 63 -2.47 -33.57 36.83
N ARG A 64 -1.88 -32.98 35.80
CA ARG A 64 -1.35 -31.62 35.92
C ARG A 64 -2.51 -30.64 36.05
N GLU A 65 -2.53 -29.87 37.13
CA GLU A 65 -3.60 -28.94 37.43
C GLU A 65 -3.06 -27.52 37.51
N GLY A 66 -3.82 -26.56 36.97
CA GLY A 66 -3.51 -25.16 37.12
C GLY A 66 -4.07 -24.64 38.42
N ILE A 67 -3.20 -24.17 39.32
CA ILE A 67 -3.64 -23.84 40.67
C ILE A 67 -3.82 -22.33 40.83
N SER A 68 -3.04 -21.54 40.11
CA SER A 68 -3.15 -20.10 40.31
C SER A 68 -2.90 -19.36 39.01
N CYS A 69 -3.41 -18.14 38.93
CA CYS A 69 -3.02 -17.25 37.84
C CYS A 69 -3.30 -15.80 38.19
N ILE A 70 -2.56 -14.92 37.52
CA ILE A 70 -2.70 -13.47 37.66
C ILE A 70 -2.90 -12.86 36.28
N SER A 71 -3.74 -11.83 36.22
CA SER A 71 -4.19 -11.22 34.99
C SER A 71 -3.27 -10.08 34.55
N ALA A 72 -3.43 -9.68 33.29
CA ALA A 72 -2.61 -8.62 32.70
C ALA A 72 -3.26 -7.26 32.80
N SER A 73 -4.60 -7.19 32.79
CA SER A 73 -5.27 -5.90 32.83
C SER A 73 -5.20 -5.25 34.21
N ASP A 74 -5.83 -5.87 35.21
CA ASP A 74 -5.93 -5.29 36.54
C ASP A 74 -5.35 -6.20 37.63
N ASP A 75 -4.49 -7.14 37.26
CA ASP A 75 -3.83 -8.01 38.21
C ASP A 75 -4.82 -8.79 39.08
N SER A 76 -6.01 -9.06 38.54
CA SER A 76 -6.92 -9.99 39.21
C SER A 76 -6.25 -11.35 39.36
N THR A 77 -6.70 -12.10 40.37
CA THR A 77 -6.09 -13.38 40.68
C THR A 77 -7.13 -14.48 40.69
N TYR A 78 -6.67 -15.70 40.44
CA TYR A 78 -7.46 -16.90 40.62
C TYR A 78 -6.62 -17.92 41.38
N TYR A 79 -7.26 -18.57 42.35
CA TYR A 79 -6.64 -19.65 43.11
C TYR A 79 -7.60 -20.84 43.15
N ARG A 80 -7.10 -22.03 42.87
CA ARG A 80 -7.90 -23.23 43.02
C ARG A 80 -8.09 -23.54 44.49
N ASP A 81 -9.27 -24.05 44.85
CA ASP A 81 -9.60 -24.29 46.25
C ASP A 81 -8.57 -25.18 46.94
N SER A 82 -7.84 -25.99 46.18
CA SER A 82 -6.78 -26.80 46.78
C SER A 82 -5.81 -25.93 47.58
N VAL A 83 -5.53 -24.71 47.10
CA VAL A 83 -4.51 -23.85 47.67
C VAL A 83 -5.06 -22.51 48.11
N LYS A 84 -6.33 -22.22 47.84
CA LYS A 84 -6.90 -20.91 48.15
C LYS A 84 -6.68 -20.57 49.62
N GLY A 85 -6.22 -19.36 49.88
CA GLY A 85 -5.92 -18.91 51.22
C GLY A 85 -4.53 -19.24 51.70
N ARG A 86 -3.90 -20.27 51.16
CA ARG A 86 -2.55 -20.67 51.55
C ARG A 86 -1.48 -20.21 50.56
N VAL A 87 -1.88 -19.58 49.45
CA VAL A 87 -0.93 -19.07 48.47
C VAL A 87 -1.37 -17.69 48.01
N THR A 88 -0.41 -16.93 47.52
CA THR A 88 -0.65 -15.58 47.02
C THR A 88 0.23 -15.33 45.80
N ILE A 89 -0.39 -14.89 44.70
CA ILE A 89 0.32 -14.58 43.46
C ILE A 89 0.38 -13.07 43.33
N SER A 90 1.54 -12.56 42.94
CA SER A 90 1.75 -11.12 42.83
C SER A 90 2.90 -10.88 41.85
N ARG A 91 3.18 -9.61 41.59
CA ARG A 91 4.24 -9.21 40.68
C ARG A 91 5.37 -8.56 41.47
N ASP A 92 6.60 -8.92 41.14
CA ASP A 92 7.77 -8.55 41.92
C ASP A 92 8.87 -8.06 40.97
N ASN A 93 9.90 -7.45 41.56
CA ASN A 93 11.05 -6.93 40.83
C ASN A 93 10.63 -5.91 39.78
N GLY A 94 10.03 -4.83 40.28
CA GLY A 94 9.52 -3.78 39.40
C GLY A 94 8.50 -4.29 38.41
N ARG A 95 7.73 -5.31 38.78
CA ARG A 95 6.73 -5.93 37.93
C ARG A 95 7.33 -6.68 36.76
N ASN A 96 8.59 -7.10 36.88
CA ASN A 96 9.25 -7.87 35.85
C ASN A 96 9.18 -9.37 36.06
N THR A 97 8.95 -9.82 37.29
CA THR A 97 8.82 -11.24 37.59
C THR A 97 7.50 -11.47 38.31
N VAL A 98 7.12 -12.73 38.43
CA VAL A 98 5.88 -13.13 39.12
C VAL A 98 6.26 -13.97 40.33
N LEU A 99 5.69 -13.63 41.48
CA LEU A 99 5.97 -14.28 42.74
C LEU A 99 4.76 -15.08 43.18
N LEU A 100 5.01 -16.28 43.71
CA LEU A 100 3.98 -17.13 44.30
C LEU A 100 4.46 -17.49 45.70
N GLN A 101 3.88 -16.85 46.71
CA GLN A 101 4.14 -17.19 48.10
C GLN A 101 3.21 -18.32 48.51
N MET A 102 3.72 -19.23 49.34
CA MET A 102 2.95 -20.38 49.79
C MET A 102 3.18 -20.58 51.28
N ASN A 103 2.08 -20.69 52.04
CA ASN A 103 2.13 -20.92 53.47
C ASN A 103 1.39 -22.20 53.81
N SER A 104 1.63 -22.69 55.03
CA SER A 104 0.93 -23.86 55.56
C SER A 104 0.89 -24.98 54.52
N LEU A 105 2.08 -25.43 54.14
CA LEU A 105 2.21 -26.43 53.09
C LEU A 105 1.92 -27.82 53.62
N LYS A 106 1.16 -28.59 52.85
CA LYS A 106 0.76 -29.95 53.17
C LYS A 106 1.56 -30.94 52.33
N PRO A 107 1.62 -32.21 52.77
CA PRO A 107 2.23 -33.23 51.91
C PRO A 107 1.54 -33.38 50.56
N GLU A 108 0.27 -32.97 50.44
CA GLU A 108 -0.42 -33.05 49.16
C GLU A 108 0.15 -32.07 48.14
N ASP A 109 0.89 -31.06 48.60
CA ASP A 109 1.47 -30.06 47.70
C ASP A 109 2.76 -30.54 47.04
N THR A 110 3.31 -31.68 47.47
CA THR A 110 4.52 -32.20 46.84
C THR A 110 4.29 -32.37 45.34
N ALA A 111 5.05 -31.63 44.54
CA ALA A 111 4.84 -31.65 43.09
C ALA A 111 5.91 -30.79 42.43
N VAL A 112 5.96 -30.89 41.10
CA VAL A 112 6.77 -29.98 40.30
C VAL A 112 5.87 -28.83 39.87
N TYR A 113 6.24 -27.61 40.26
CA TYR A 113 5.47 -26.41 39.94
C TYR A 113 6.06 -25.74 38.70
N TYR A 114 5.21 -25.51 37.71
CA TYR A 114 5.60 -24.83 36.48
C TYR A 114 4.93 -23.46 36.43
N CYS A 115 5.63 -22.50 35.84
CA CYS A 115 5.04 -21.19 35.54
C CYS A 115 4.91 -21.06 34.03
N ALA A 116 3.80 -20.47 33.60
CA ALA A 116 3.45 -20.49 32.19
C ALA A 116 2.74 -19.19 31.81
N THR A 117 2.76 -18.89 30.52
CA THR A 117 1.89 -17.88 29.96
C THR A 117 0.55 -18.54 29.60
N LEU A 118 -0.49 -17.72 29.53
CA LEU A 118 -1.85 -18.22 29.36
C LEU A 118 -2.39 -17.88 27.98
N ARG A 119 -3.36 -18.67 27.55
CA ARG A 119 -3.98 -18.46 26.25
C ARG A 119 -4.62 -17.08 26.17
N ALA A 120 -4.40 -16.41 25.04
CA ALA A 120 -4.97 -15.08 24.79
C ALA A 120 -4.60 -14.08 25.90
N ASN A 121 -3.56 -14.37 26.67
CA ASN A 121 -3.12 -13.47 27.74
C ASN A 121 -4.28 -13.22 28.71
N TYR A 122 -4.97 -14.30 29.08
CA TYR A 122 -6.21 -14.22 29.85
C TYR A 122 -6.12 -15.12 31.07
N CYS A 123 -6.48 -14.58 32.22
CA CYS A 123 -6.54 -15.32 33.48
C CYS A 123 -7.92 -15.12 34.07
N SER A 124 -8.72 -16.19 34.10
CA SER A 124 -10.03 -16.16 34.72
C SER A 124 -10.56 -17.58 34.86
N GLY A 125 -10.64 -18.08 36.09
CA GLY A 125 -11.00 -19.46 36.33
C GLY A 125 -9.82 -20.37 36.08
N PRO A 126 -10.07 -21.67 35.99
CA PRO A 126 -8.98 -22.62 35.69
C PRO A 126 -8.14 -22.14 34.52
N PRO A 127 -6.87 -21.87 34.73
CA PRO A 127 -6.05 -21.28 33.66
C PRO A 127 -5.81 -22.25 32.52
N THR A 128 -5.74 -21.70 31.32
CA THR A 128 -5.49 -22.46 30.09
C THR A 128 -4.07 -22.15 29.60
N LEU A 129 -3.30 -23.22 29.36
CA LEU A 129 -1.90 -23.06 28.99
C LEU A 129 -1.78 -22.22 27.72
N GLY A 130 -0.67 -21.50 27.63
CA GLY A 130 -0.42 -20.59 26.53
C GLY A 130 0.82 -20.96 25.75
N PRO A 131 1.45 -19.96 25.12
CA PRO A 131 2.58 -20.27 24.23
C PRO A 131 3.86 -20.69 24.95
N TYR A 132 4.06 -20.28 26.20
CA TYR A 132 5.34 -20.45 26.87
C TYR A 132 5.17 -21.14 28.21
N LEU A 133 5.99 -22.16 28.46
CA LEU A 133 5.98 -22.93 29.69
C LEU A 133 7.41 -23.11 30.18
N GLY A 134 7.60 -23.02 31.50
CA GLY A 134 8.90 -23.20 32.08
C GLY A 134 9.27 -24.66 32.25
N GLN A 135 10.46 -24.87 32.83
CA GLN A 135 10.98 -26.22 33.03
C GLN A 135 10.54 -26.83 34.35
N GLY A 136 10.25 -26.01 35.34
CA GLY A 136 9.64 -26.48 36.57
C GLY A 136 10.61 -26.42 37.74
N THR A 137 10.03 -26.35 38.95
CA THR A 137 10.76 -26.36 40.21
C THR A 137 10.08 -27.34 41.16
N GLN A 138 10.86 -28.23 41.77
CA GLN A 138 10.31 -29.22 42.67
C GLN A 138 10.03 -28.60 44.04
N VAL A 139 8.84 -28.86 44.57
CA VAL A 139 8.48 -28.49 45.93
C VAL A 139 8.06 -29.77 46.64
N THR A 140 8.82 -30.14 47.67
CA THR A 140 8.57 -31.36 48.43
C THR A 140 8.24 -31.02 49.87
N VAL A 141 7.28 -31.74 50.43
CA VAL A 141 6.83 -31.55 51.81
C VAL A 141 6.93 -32.90 52.51
N SER A 142 7.94 -33.08 53.34
CA SER A 142 8.14 -34.33 54.07
C SER A 142 6.93 -34.66 54.94
N GLN B 20 -18.03 1.78 -7.11
CA GLN B 20 -18.70 1.58 -5.79
C GLN B 20 -20.22 1.63 -5.97
N VAL B 21 -20.95 1.34 -4.90
CA VAL B 21 -22.41 1.29 -4.92
C VAL B 21 -22.95 2.45 -4.10
N GLN B 22 -24.11 2.96 -4.54
CA GLN B 22 -24.87 3.96 -3.80
C GLN B 22 -26.10 3.31 -3.20
N LEU B 23 -26.39 3.65 -1.94
CA LEU B 23 -27.44 2.99 -1.17
C LEU B 23 -28.55 3.97 -0.87
N GLN B 24 -29.80 3.55 -1.10
CA GLN B 24 -30.97 4.36 -0.82
C GLN B 24 -31.73 3.74 0.35
N GLU B 25 -31.93 4.54 1.40
CA GLU B 25 -32.58 4.11 2.63
C GLU B 25 -34.01 4.61 2.68
N SER B 26 -34.77 4.10 3.65
CA SER B 26 -36.15 4.52 3.85
C SER B 26 -36.70 3.83 5.09
N GLY B 27 -37.83 4.35 5.59
CA GLY B 27 -38.61 3.69 6.61
C GLY B 27 -38.60 4.32 7.98
N GLY B 28 -37.86 5.40 8.19
CA GLY B 28 -37.74 5.98 9.51
C GLY B 28 -39.05 6.55 10.03
N GLY B 29 -38.94 7.32 11.11
CA GLY B 29 -40.10 7.99 11.64
C GLY B 29 -39.93 8.40 13.09
N SER B 30 -41.00 9.00 13.61
CA SER B 30 -41.12 9.38 15.01
C SER B 30 -42.18 8.48 15.62
N VAL B 31 -41.74 7.53 16.44
CA VAL B 31 -42.58 6.50 17.04
C VAL B 31 -42.45 6.64 18.56
N GLN B 32 -43.37 6.01 19.28
CA GLN B 32 -43.42 6.13 20.73
C GLN B 32 -42.89 4.88 21.42
N PRO B 33 -42.48 4.99 22.68
CA PRO B 33 -41.90 3.85 23.38
C PRO B 33 -42.76 2.59 23.28
N GLY B 34 -42.11 1.46 23.04
CA GLY B 34 -42.77 0.18 22.96
C GLY B 34 -43.25 -0.22 21.58
N ASP B 35 -43.24 0.71 20.63
CA ASP B 35 -43.77 0.45 19.30
C ASP B 35 -42.66 -0.03 18.38
N SER B 36 -42.97 -0.20 17.09
CA SER B 36 -42.08 -0.85 16.14
C SER B 36 -42.06 -0.13 14.81
N LEU B 37 -40.93 -0.27 14.10
CA LEU B 37 -40.73 0.32 12.78
C LEU B 37 -40.08 -0.70 11.86
N ARG B 38 -39.93 -0.33 10.58
CA ARG B 38 -39.21 -1.16 9.61
C ARG B 38 -38.46 -0.23 8.67
N LEU B 39 -37.19 -0.54 8.44
CA LEU B 39 -36.33 0.23 7.56
C LEU B 39 -35.92 -0.62 6.37
N SER B 40 -35.73 0.04 5.23
CA SER B 40 -35.33 -0.61 3.99
C SER B 40 -34.11 0.09 3.43
N CYS B 41 -33.26 -0.69 2.74
CA CYS B 41 -32.08 -0.15 2.09
C CYS B 41 -31.83 -0.95 0.83
N ALA B 42 -31.89 -0.28 -0.32
CA ALA B 42 -31.58 -0.90 -1.60
C ALA B 42 -30.27 -0.37 -2.14
N ALA B 43 -29.65 -1.16 -3.02
CA ALA B 43 -28.32 -0.88 -3.52
C ALA B 43 -28.35 -0.66 -5.03
N SER B 44 -27.45 0.23 -5.50
CA SER B 44 -27.29 0.47 -6.93
C SER B 44 -26.58 -0.66 -7.65
N GLY B 45 -25.96 -1.58 -6.91
CA GLY B 45 -25.24 -2.68 -7.52
C GLY B 45 -25.17 -3.89 -6.62
N ARG B 46 -24.27 -4.82 -6.93
CA ARG B 46 -24.11 -6.02 -6.13
C ARG B 46 -23.48 -5.68 -4.79
N THR B 47 -24.04 -6.25 -3.73
CA THR B 47 -23.52 -6.09 -2.38
C THR B 47 -23.34 -7.47 -1.76
N ASN B 48 -22.29 -7.62 -0.95
CA ASN B 48 -22.07 -8.84 -0.19
C ASN B 48 -22.41 -8.62 1.29
N LEU B 49 -21.61 -7.81 1.97
CA LEU B 49 -21.90 -7.42 3.36
C LEU B 49 -22.80 -6.19 3.31
N MET B 50 -23.99 -6.29 3.90
CA MET B 50 -24.92 -5.18 3.93
C MET B 50 -25.56 -5.12 5.30
N GLY B 51 -25.58 -3.94 5.90
CA GLY B 51 -26.06 -3.83 7.25
C GLY B 51 -26.43 -2.41 7.65
N TRP B 52 -26.66 -2.24 8.94
CA TRP B 52 -27.17 -1.01 9.53
C TRP B 52 -26.33 -0.66 10.74
N PHE B 53 -25.84 0.58 10.76
CA PHE B 53 -25.24 1.24 11.91
C PHE B 53 -26.17 2.34 12.37
N ARG B 54 -25.86 2.94 13.52
CA ARG B 54 -26.67 4.05 14.02
C ARG B 54 -25.82 4.98 14.87
N GLN B 55 -25.94 6.28 14.60
CA GLN B 55 -25.29 7.31 15.41
C GLN B 55 -26.37 8.14 16.10
N ALA B 56 -26.29 8.22 17.42
CA ALA B 56 -27.28 8.95 18.19
C ALA B 56 -26.80 10.37 18.46
N PRO B 57 -27.73 11.29 18.74
CA PRO B 57 -27.33 12.68 18.98
C PRO B 57 -26.29 12.79 20.08
N GLY B 58 -25.06 13.18 19.71
CA GLY B 58 -24.00 13.37 20.66
C GLY B 58 -23.12 12.15 20.90
N LYS B 59 -23.57 10.97 20.51
CA LYS B 59 -22.79 9.75 20.66
C LYS B 59 -22.08 9.44 19.35
N GLU B 60 -21.49 8.25 19.27
CA GLU B 60 -20.73 7.83 18.10
C GLU B 60 -21.47 6.69 17.38
N ARG B 61 -21.00 6.40 16.17
CA ARG B 61 -21.66 5.43 15.32
C ARG B 61 -21.40 4.02 15.84
N ASP B 62 -22.45 3.22 15.92
CA ASP B 62 -22.37 1.87 16.46
C ASP B 62 -23.04 0.88 15.53
N PHE B 63 -22.60 -0.37 15.61
CA PHE B 63 -23.14 -1.44 14.78
C PHE B 63 -24.50 -1.88 15.30
N VAL B 64 -25.47 -2.03 14.39
CA VAL B 64 -26.77 -2.59 14.74
C VAL B 64 -26.87 -4.02 14.22
N ALA B 65 -26.77 -4.22 12.91
CA ALA B 65 -26.91 -5.60 12.42
C ALA B 65 -26.51 -5.68 10.95
N ALA B 66 -25.97 -6.82 10.55
CA ALA B 66 -25.51 -6.99 9.18
C ALA B 66 -25.74 -8.42 8.71
N ILE B 67 -25.73 -8.57 7.39
CA ILE B 67 -25.79 -9.87 6.73
C ILE B 67 -24.66 -9.92 5.72
N ARG B 68 -23.94 -11.04 5.69
CA ARG B 68 -22.96 -11.32 4.65
C ARG B 68 -23.45 -12.49 3.81
N TRP B 69 -23.36 -12.35 2.49
CA TRP B 69 -23.80 -13.39 1.57
C TRP B 69 -22.70 -14.37 1.22
N SER B 70 -21.44 -13.92 1.21
CA SER B 70 -20.33 -14.83 0.98
C SER B 70 -20.38 -16.00 1.95
N THR B 71 -20.64 -15.71 3.22
CA THR B 71 -20.78 -16.73 4.26
C THR B 71 -22.23 -17.01 4.62
N ARG B 72 -23.17 -16.24 4.06
CA ARG B 72 -24.59 -16.42 4.35
C ARG B 72 -24.84 -16.45 5.84
N THR B 73 -24.30 -15.45 6.54
CA THR B 73 -24.44 -15.35 7.99
C THR B 73 -24.95 -13.97 8.36
N THR B 74 -25.49 -13.88 9.57
CA THR B 74 -26.15 -12.67 10.06
C THR B 74 -25.69 -12.40 11.48
N GLY B 75 -25.52 -11.13 11.80
CA GLY B 75 -25.08 -10.75 13.13
C GLY B 75 -25.78 -9.50 13.62
N TYR B 76 -25.94 -9.42 14.94
CA TYR B 76 -26.57 -8.29 15.60
C TYR B 76 -25.69 -7.84 16.77
N ALA B 77 -25.89 -6.61 17.20
CA ALA B 77 -25.24 -6.12 18.40
C ALA B 77 -25.97 -6.62 19.64
N ASP B 78 -25.29 -6.56 20.79
CA ASP B 78 -25.90 -7.01 22.04
C ASP B 78 -27.03 -6.08 22.47
N SER B 79 -26.87 -4.78 22.24
CA SER B 79 -27.89 -3.82 22.64
C SER B 79 -29.22 -4.06 21.92
N VAL B 80 -29.17 -4.68 20.75
CA VAL B 80 -30.34 -4.79 19.88
C VAL B 80 -30.84 -6.22 19.76
N LYS B 81 -30.02 -7.22 20.04
CA LYS B 81 -30.45 -8.60 19.84
C LYS B 81 -31.72 -8.89 20.64
N GLY B 82 -32.68 -9.53 19.99
CA GLY B 82 -33.97 -9.83 20.57
C GLY B 82 -35.06 -8.87 20.19
N ARG B 83 -34.72 -7.62 19.90
CA ARG B 83 -35.68 -6.62 19.47
C ARG B 83 -35.71 -6.47 17.95
N PHE B 84 -34.55 -6.34 17.31
CA PHE B 84 -34.49 -6.12 15.87
C PHE B 84 -34.28 -7.43 15.13
N SER B 85 -34.48 -7.36 13.81
CA SER B 85 -34.30 -8.50 12.93
C SER B 85 -33.90 -7.97 11.56
N ILE B 86 -32.98 -8.67 10.90
CA ILE B 86 -32.43 -8.23 9.62
C ILE B 86 -32.65 -9.32 8.58
N SER B 87 -33.02 -8.91 7.37
CA SER B 87 -33.34 -9.83 6.28
C SER B 87 -32.84 -9.23 4.99
N ARG B 88 -32.66 -10.09 3.97
CA ARG B 88 -32.09 -9.64 2.72
C ARG B 88 -32.78 -10.30 1.53
N ASP B 89 -32.88 -9.55 0.44
CA ASP B 89 -33.30 -10.04 -0.87
C ASP B 89 -32.10 -9.87 -1.80
N ASN B 90 -31.52 -10.99 -2.24
CA ASN B 90 -30.30 -10.94 -3.01
C ASN B 90 -30.56 -10.45 -4.44
N ALA B 91 -31.70 -10.83 -5.01
CA ALA B 91 -32.00 -10.39 -6.38
C ALA B 91 -32.14 -8.88 -6.45
N LYS B 92 -32.84 -8.29 -5.48
CA LYS B 92 -33.04 -6.84 -5.43
C LYS B 92 -31.91 -6.11 -4.70
N ASN B 93 -30.87 -6.82 -4.27
CA ASN B 93 -29.80 -6.24 -3.46
C ASN B 93 -30.40 -5.31 -2.39
N THR B 94 -31.40 -5.82 -1.70
CA THR B 94 -32.14 -5.06 -0.71
C THR B 94 -31.99 -5.70 0.66
N VAL B 95 -32.05 -4.88 1.70
CA VAL B 95 -31.99 -5.35 3.07
C VAL B 95 -33.04 -4.63 3.90
N TYR B 96 -33.79 -5.39 4.69
CA TYR B 96 -34.85 -4.88 5.55
C TYR B 96 -34.46 -5.12 7.00
N LEU B 97 -34.87 -4.18 7.87
CA LEU B 97 -34.57 -4.23 9.30
C LEU B 97 -35.85 -3.91 10.07
N GLN B 98 -36.43 -4.93 10.70
CA GLN B 98 -37.56 -4.75 11.59
C GLN B 98 -37.04 -4.39 12.98
N MET B 99 -37.64 -3.37 13.60
CA MET B 99 -37.19 -2.85 14.89
C MET B 99 -38.39 -2.85 15.83
N ASN B 100 -38.44 -3.83 16.73
CA ASN B 100 -39.56 -3.97 17.66
C ASN B 100 -39.18 -3.47 19.04
N SER B 101 -40.20 -3.15 19.84
CA SER B 101 -40.04 -2.63 21.20
C SER B 101 -38.97 -1.55 21.24
N LEU B 102 -39.21 -0.48 20.48
CA LEU B 102 -38.28 0.64 20.41
C LEU B 102 -38.43 1.52 21.64
N GLN B 103 -37.31 1.84 22.27
CA GLN B 103 -37.27 2.63 23.49
C GLN B 103 -36.49 3.91 23.27
N PRO B 104 -36.63 4.90 24.16
CA PRO B 104 -35.98 6.20 23.93
C PRO B 104 -34.51 6.11 23.59
N GLU B 105 -33.84 5.03 23.99
CA GLU B 105 -32.41 4.89 23.75
C GLU B 105 -32.09 4.39 22.34
N ASP B 106 -33.10 4.04 21.54
CA ASP B 106 -32.90 3.71 20.14
C ASP B 106 -33.08 4.93 19.22
N THR B 107 -33.18 6.11 19.80
CA THR B 107 -33.39 7.34 19.04
C THR B 107 -32.07 7.74 18.40
N ALA B 108 -31.99 7.69 17.07
CA ALA B 108 -30.73 7.99 16.40
C ALA B 108 -30.96 8.05 14.89
N VAL B 109 -29.91 8.43 14.18
CA VAL B 109 -29.88 8.36 12.73
C VAL B 109 -29.26 7.01 12.36
N TYR B 110 -30.05 6.17 11.72
CA TYR B 110 -29.62 4.84 11.30
C TYR B 110 -29.10 4.94 9.86
N TYR B 111 -27.84 4.58 9.66
CA TYR B 111 -27.21 4.58 8.35
C TYR B 111 -27.11 3.17 7.81
N CYS B 112 -27.39 3.01 6.53
CA CYS B 112 -27.17 1.75 5.84
C CYS B 112 -25.75 1.72 5.26
N ALA B 113 -25.07 0.61 5.45
CA ALA B 113 -23.71 0.44 5.00
C ALA B 113 -23.61 -0.84 4.16
N ALA B 114 -22.65 -0.86 3.25
CA ALA B 114 -22.48 -2.00 2.37
C ALA B 114 -21.02 -2.10 1.94
N ASP B 115 -20.67 -3.27 1.41
CA ASP B 115 -19.33 -3.55 0.90
C ASP B 115 -19.48 -4.15 -0.49
N VAL B 116 -18.78 -3.57 -1.48
CA VAL B 116 -18.88 -4.03 -2.85
C VAL B 116 -18.69 -5.54 -2.95
N GLY B 117 -17.86 -6.11 -2.09
CA GLY B 117 -17.67 -7.54 -2.02
C GLY B 117 -16.20 -7.91 -1.97
N GLY B 118 -15.96 -9.20 -1.83
CA GLY B 118 -14.61 -9.72 -1.83
C GLY B 118 -14.17 -10.29 -0.50
N SER B 119 -12.98 -9.91 -0.07
CA SER B 119 -12.39 -10.48 1.13
C SER B 119 -13.32 -10.34 2.33
N TYR B 120 -13.27 -11.35 3.20
CA TYR B 120 -14.05 -11.32 4.43
C TYR B 120 -13.44 -10.37 5.44
N SER B 121 -14.29 -9.79 6.28
CA SER B 121 -13.85 -8.95 7.38
C SER B 121 -15.03 -8.75 8.31
N SER B 122 -14.72 -8.50 9.59
CA SER B 122 -15.76 -8.43 10.61
C SER B 122 -16.89 -7.50 10.16
N MET B 123 -18.11 -7.89 10.50
CA MET B 123 -19.27 -7.04 10.23
C MET B 123 -19.42 -5.94 11.26
N TYR B 124 -18.86 -6.12 12.45
CA TYR B 124 -19.10 -5.25 13.58
C TYR B 124 -18.29 -3.96 13.54
N TYR B 125 -17.63 -3.66 12.42
CA TYR B 125 -16.74 -2.51 12.37
C TYR B 125 -16.96 -1.74 11.08
N ALA B 126 -17.17 -0.42 11.21
CA ALA B 126 -17.54 0.38 10.06
C ALA B 126 -16.43 0.43 9.01
N ARG B 127 -15.17 0.38 9.43
CA ARG B 127 -14.08 0.52 8.48
C ARG B 127 -14.13 -0.51 7.37
N ASN B 128 -14.81 -1.64 7.59
CA ASN B 128 -14.89 -2.70 6.59
C ASN B 128 -15.98 -2.44 5.56
N TYR B 129 -16.79 -1.40 5.73
CA TYR B 129 -17.79 -1.01 4.77
C TYR B 129 -17.29 0.20 3.98
N ASP B 130 -17.48 0.17 2.66
CA ASP B 130 -17.01 1.23 1.78
C ASP B 130 -18.12 2.07 1.18
N ALA B 131 -19.38 1.63 1.30
CA ALA B 131 -20.54 2.39 0.82
C ALA B 131 -21.39 2.79 2.01
N TRP B 132 -21.92 4.01 1.98
CA TRP B 132 -22.69 4.54 3.10
C TRP B 132 -23.82 5.41 2.59
N GLY B 133 -24.98 5.31 3.27
CA GLY B 133 -26.11 6.17 2.97
C GLY B 133 -26.13 7.42 3.83
N GLN B 134 -27.08 8.30 3.52
CA GLN B 134 -27.15 9.57 4.24
C GLN B 134 -27.76 9.43 5.62
N GLY B 135 -28.56 8.40 5.86
CA GLY B 135 -29.13 8.15 7.14
C GLY B 135 -30.65 8.31 7.13
N THR B 136 -31.28 7.73 8.16
CA THR B 136 -32.72 7.77 8.34
C THR B 136 -33.01 8.01 9.81
N GLN B 137 -33.86 8.98 10.13
CA GLN B 137 -34.11 9.34 11.52
C GLN B 137 -35.12 8.40 12.16
N VAL B 138 -34.83 7.98 13.39
CA VAL B 138 -35.77 7.24 14.21
C VAL B 138 -35.80 7.91 15.57
N THR B 139 -36.96 8.44 15.96
CA THR B 139 -37.10 9.22 17.18
C THR B 139 -38.17 8.61 18.06
N VAL B 140 -37.80 8.21 19.28
CA VAL B 140 -38.73 7.60 20.23
C VAL B 140 -38.96 8.57 21.37
N SER B 141 -40.23 8.88 21.63
CA SER B 141 -40.61 9.78 22.72
C SER B 141 -42.09 9.65 22.98
N SER B 142 -42.50 10.09 24.18
CA SER B 142 -43.89 10.05 24.61
C SER B 142 -44.62 8.80 24.15
N LEU C 19 6.19 -20.37 17.96
CA LEU C 19 4.78 -20.08 17.87
C LEU C 19 3.94 -21.32 18.14
N LYS C 20 2.82 -21.13 18.84
CA LYS C 20 1.91 -22.22 19.20
C LYS C 20 0.53 -21.89 18.65
N GLU C 21 0.01 -22.77 17.81
CA GLU C 21 -1.30 -22.59 17.20
C GLU C 21 -2.26 -23.60 17.81
N SER C 22 -3.31 -23.10 18.46
CA SER C 22 -4.30 -23.93 19.12
C SER C 22 -5.60 -23.89 18.34
N TYR C 23 -6.21 -25.06 18.14
CA TYR C 23 -7.45 -25.20 17.40
C TYR C 23 -8.62 -25.30 18.39
N LEU C 24 -9.59 -24.40 18.24
CA LEU C 24 -10.77 -24.34 19.08
C LEU C 24 -11.92 -24.97 18.32
N GLU C 25 -12.30 -26.20 18.73
CA GLU C 25 -13.36 -26.93 18.06
C GLU C 25 -14.71 -26.27 18.26
N GLU C 26 -14.95 -25.68 19.44
CA GLU C 26 -16.26 -25.11 19.75
C GLU C 26 -16.70 -24.11 18.70
N SER C 27 -15.75 -23.30 18.19
CA SER C 27 -16.05 -22.25 17.22
C SER C 27 -15.31 -22.42 15.91
N CYS C 28 -14.70 -23.59 15.68
CA CYS C 28 -13.94 -23.84 14.46
C CYS C 28 -13.00 -22.67 14.19
N SER C 29 -12.10 -22.42 15.14
CA SER C 29 -11.20 -21.29 15.05
C SER C 29 -9.79 -21.71 15.45
N THR C 30 -8.86 -20.78 15.32
CA THR C 30 -7.46 -21.00 15.67
C THR C 30 -6.92 -19.73 16.31
N ILE C 31 -6.21 -19.90 17.41
CA ILE C 31 -5.46 -18.81 18.04
C ILE C 31 -3.99 -19.18 17.93
N THR C 32 -3.22 -18.34 17.25
CA THR C 32 -1.77 -18.51 17.15
C THR C 32 -1.13 -17.50 18.10
N GLU C 33 -0.27 -17.99 18.99
CA GLU C 33 0.33 -17.20 20.06
C GLU C 33 1.84 -17.40 20.08
N GLY C 34 2.51 -16.53 20.83
CA GLY C 34 3.96 -16.51 20.92
C GLY C 34 4.60 -15.28 20.33
N TYR C 35 3.85 -14.46 19.61
CA TYR C 35 4.40 -13.28 18.99
C TYR C 35 4.75 -12.22 20.03
N LEU C 36 5.82 -11.47 19.75
CA LEU C 36 6.29 -10.41 20.62
C LEU C 36 5.96 -9.06 20.00
N SER C 37 5.35 -8.19 20.79
CA SER C 37 4.77 -6.96 20.24
C SER C 37 5.84 -5.89 20.04
N VAL C 38 5.54 -4.97 19.13
CA VAL C 38 6.27 -3.72 18.97
C VAL C 38 5.24 -2.66 18.65
N LEU C 39 4.90 -1.81 19.61
CA LEU C 39 3.80 -0.86 19.48
C LEU C 39 4.33 0.56 19.61
N ARG C 40 3.82 1.46 18.77
CA ARG C 40 4.21 2.85 18.85
C ARG C 40 3.59 3.50 20.08
N THR C 41 4.41 4.27 20.80
CA THR C 41 3.95 4.98 21.98
C THR C 41 4.17 6.49 21.90
N GLY C 42 4.86 6.99 20.88
CA GLY C 42 4.98 8.42 20.74
C GLY C 42 5.64 8.82 19.44
N TRP C 43 6.01 10.10 19.38
CA TRP C 43 6.72 10.67 18.24
C TRP C 43 7.92 11.46 18.74
N TYR C 44 9.08 11.22 18.13
CA TYR C 44 10.30 11.96 18.41
C TYR C 44 10.53 12.94 17.27
N THR C 45 10.86 14.19 17.61
CA THR C 45 11.07 15.23 16.61
C THR C 45 12.57 15.51 16.49
N ASN C 46 13.09 15.33 15.28
CA ASN C 46 14.46 15.74 14.94
C ASN C 46 14.33 16.94 14.01
N VAL C 47 14.65 18.11 14.52
CA VAL C 47 14.74 19.32 13.71
C VAL C 47 16.05 19.30 12.94
N PHE C 48 15.99 19.65 11.66
CA PHE C 48 17.17 19.75 10.79
C PHE C 48 17.29 21.19 10.30
N THR C 49 18.51 21.71 10.34
CA THR C 49 18.86 23.01 9.77
C THR C 49 19.87 22.75 8.66
N LEU C 50 19.44 22.89 7.42
CA LEU C 50 20.29 22.70 6.25
C LEU C 50 20.79 24.07 5.82
N GLU C 51 22.11 24.26 5.89
CA GLU C 51 22.74 25.54 5.57
C GLU C 51 23.11 25.56 4.09
N VAL C 52 22.66 26.61 3.40
CA VAL C 52 22.86 26.74 1.97
C VAL C 52 23.97 27.73 1.68
N GLY C 53 24.17 28.71 2.57
CA GLY C 53 25.16 29.74 2.36
C GLY C 53 24.61 30.93 1.60
N ASP C 54 25.49 31.89 1.34
CA ASP C 54 25.11 33.11 0.62
C ASP C 54 25.23 32.91 -0.89
N VAL C 55 24.43 31.96 -1.40
CA VAL C 55 24.41 31.71 -2.83
C VAL C 55 23.68 32.82 -3.58
N GLU C 56 22.84 33.59 -2.89
CA GLU C 56 22.08 34.65 -3.54
C GLU C 56 22.87 35.94 -3.67
N ASN C 57 24.12 35.98 -3.18
CA ASN C 57 25.01 37.11 -3.41
C ASN C 57 26.05 36.80 -4.49
N LEU C 58 25.97 35.63 -5.13
CA LEU C 58 26.86 35.24 -6.20
C LEU C 58 26.17 35.41 -7.54
N THR C 59 26.93 35.82 -8.56
CA THR C 59 26.38 36.11 -9.87
C THR C 59 27.34 35.66 -10.96
N CYS C 60 26.80 35.01 -11.98
CA CYS C 60 27.56 34.54 -13.13
C CYS C 60 27.10 35.33 -14.35
N ALA C 61 27.94 36.23 -14.84
CA ALA C 61 27.58 37.09 -15.95
C ALA C 61 28.23 36.68 -17.27
N ASP C 62 29.00 35.59 -17.28
CA ASP C 62 29.75 35.18 -18.46
C ASP C 62 28.97 34.21 -19.35
N GLY C 63 27.69 34.02 -19.10
CA GLY C 63 26.87 33.19 -19.95
C GLY C 63 26.81 31.76 -19.48
N PRO C 64 26.67 30.82 -20.41
CA PRO C 64 26.47 29.42 -20.02
C PRO C 64 27.71 28.80 -19.42
N SER C 65 27.53 28.09 -18.31
CA SER C 65 28.60 27.34 -17.68
C SER C 65 27.96 26.30 -16.77
N LEU C 66 28.75 25.29 -16.40
CA LEU C 66 28.26 24.29 -15.46
C LEU C 66 27.98 24.90 -14.09
N ILE C 67 28.93 25.68 -13.58
CA ILE C 67 28.74 26.34 -12.30
C ILE C 67 27.52 27.23 -12.35
N LYS C 68 27.30 27.91 -13.49
CA LYS C 68 26.16 28.81 -13.58
C LYS C 68 24.85 28.03 -13.49
N THR C 69 24.75 26.91 -14.20
CA THR C 69 23.53 26.12 -14.14
C THR C 69 23.30 25.59 -12.73
N GLU C 70 24.37 25.13 -12.07
CA GLU C 70 24.21 24.60 -10.71
C GLU C 70 23.77 25.71 -9.75
N LEU C 71 24.38 26.89 -9.85
CA LEU C 71 24.02 28.01 -8.98
C LEU C 71 22.60 28.51 -9.27
N ASP C 72 22.16 28.46 -10.52
CA ASP C 72 20.80 28.83 -10.83
C ASP C 72 19.81 27.81 -10.27
N LEU C 73 20.13 26.52 -10.39
CA LEU C 73 19.29 25.51 -9.77
C LEU C 73 19.19 25.75 -8.26
N THR C 74 20.31 26.07 -7.61
CA THR C 74 20.31 26.29 -6.17
C THR C 74 19.46 27.49 -5.79
N LYS C 75 19.64 28.63 -6.48
CA LYS C 75 18.87 29.83 -6.16
C LYS C 75 17.38 29.62 -6.44
N SER C 76 17.05 29.03 -7.60
CA SER C 76 15.67 28.75 -7.92
C SER C 76 15.04 27.83 -6.89
N ALA C 77 15.82 26.86 -6.37
CA ALA C 77 15.29 25.98 -5.35
C ALA C 77 15.01 26.74 -4.05
N LEU C 78 15.93 27.61 -3.64
CA LEU C 78 15.70 28.39 -2.42
C LEU C 78 14.44 29.24 -2.56
N ARG C 79 14.24 29.87 -3.72
CA ARG C 79 13.05 30.68 -3.92
C ARG C 79 11.78 29.83 -3.96
N GLU C 80 11.83 28.68 -4.63
CA GLU C 80 10.68 27.78 -4.65
C GLU C 80 10.31 27.32 -3.25
N LEU C 81 11.31 27.03 -2.41
CA LEU C 81 11.01 26.59 -1.06
C LEU C 81 10.47 27.74 -0.22
N ARG C 82 10.94 28.96 -0.45
CA ARG C 82 10.31 30.12 0.21
C ARG C 82 8.83 30.21 -0.13
N THR C 83 8.50 30.09 -1.42
CA THR C 83 7.09 30.18 -1.81
C THR C 83 6.28 29.02 -1.24
N VAL C 84 6.85 27.81 -1.24
CA VAL C 84 6.14 26.65 -0.69
C VAL C 84 5.88 26.84 0.79
N SER C 85 6.85 27.40 1.51
CA SER C 85 6.64 27.68 2.93
C SER C 85 5.55 28.73 3.12
N ALA C 86 5.55 29.77 2.27
CA ALA C 86 4.47 30.75 2.34
C ALA C 86 3.10 30.08 2.18
N ASP C 87 2.98 29.18 1.20
CA ASP C 87 1.72 28.47 0.99
C ASP C 87 1.37 27.61 2.20
N GLN C 88 2.35 26.87 2.72
CA GLN C 88 2.10 26.00 3.86
C GLN C 88 1.61 26.80 5.06
N LEU C 89 2.19 27.97 5.29
CA LEU C 89 1.79 28.77 6.45
C LEU C 89 0.45 29.45 6.22
N ALA C 90 0.13 29.83 4.98
CA ALA C 90 -1.20 30.32 4.69
C ALA C 90 -2.25 29.21 4.79
N ARG C 91 -1.84 27.95 4.68
CA ARG C 91 -2.77 26.83 4.79
C ARG C 91 -2.93 26.34 6.22
N GLU C 92 -1.88 26.42 7.04
CA GLU C 92 -1.93 25.95 8.42
C GLU C 92 -2.38 27.05 9.37
N GLU C 93 -3.46 27.74 9.01
CA GLU C 93 -4.00 28.82 9.83
C GLU C 93 -5.49 28.58 10.15
N ALA C 116 -4.04 12.13 13.70
CA ALA C 116 -3.38 12.38 14.99
C ALA C 116 -1.90 12.63 14.79
N ALA C 117 -1.28 11.89 13.86
CA ALA C 117 0.14 12.05 13.59
C ALA C 117 0.44 13.44 13.03
N VAL C 118 -0.11 13.75 11.86
CA VAL C 118 0.15 15.05 11.25
C VAL C 118 -0.40 16.18 12.11
N THR C 119 -1.42 15.89 12.92
CA THR C 119 -1.93 16.89 13.86
C THR C 119 -0.87 17.27 14.88
N ALA C 120 -0.31 16.26 15.55
CA ALA C 120 0.74 16.52 16.54
C ALA C 120 1.97 17.13 15.89
N GLY C 121 2.34 16.62 14.71
CA GLY C 121 3.49 17.17 14.01
C GLY C 121 3.31 18.63 13.65
N VAL C 122 2.15 18.98 13.12
CA VAL C 122 1.89 20.37 12.76
C VAL C 122 1.81 21.24 14.01
N ALA C 123 1.32 20.68 15.12
CA ALA C 123 1.31 21.44 16.37
C ALA C 123 2.72 21.77 16.83
N ILE C 124 3.59 20.76 16.89
CA ILE C 124 4.97 21.02 17.32
C ILE C 124 5.69 21.89 16.30
N ALA C 125 5.29 21.82 15.02
CA ALA C 125 5.91 22.68 14.02
C ALA C 125 5.51 24.14 14.22
N LYS C 126 4.24 24.40 14.51
CA LYS C 126 3.81 25.75 14.86
C LYS C 126 4.52 26.22 16.13
N THR C 127 4.80 25.31 17.05
CA THR C 127 5.59 25.67 18.23
C THR C 127 6.99 26.11 17.83
N ILE C 128 7.65 25.34 16.97
CA ILE C 128 9.02 25.64 16.58
C ILE C 128 9.09 26.92 15.74
N ARG C 129 8.05 27.20 14.95
CA ARG C 129 8.10 28.36 14.06
C ARG C 129 8.24 29.67 14.80
N LEU C 130 7.98 29.69 16.10
CA LEU C 130 8.19 30.91 16.88
C LEU C 130 9.65 31.34 16.79
N GLU C 131 9.86 32.65 16.63
CA GLU C 131 11.20 33.17 16.42
C GLU C 131 12.14 32.75 17.56
N SER C 132 11.65 32.79 18.80
CA SER C 132 12.47 32.38 19.93
C SER C 132 13.01 30.97 19.72
N GLU C 133 12.14 30.04 19.32
CA GLU C 133 12.56 28.65 19.16
C GLU C 133 13.55 28.49 18.02
N VAL C 134 13.33 29.19 16.90
CA VAL C 134 14.25 29.09 15.77
C VAL C 134 15.62 29.60 16.17
N THR C 135 15.68 30.76 16.83
CA THR C 135 16.96 31.31 17.25
C THR C 135 17.63 30.40 18.27
N ALA C 136 16.85 29.81 19.18
CA ALA C 136 17.43 28.92 20.19
C ALA C 136 18.00 27.66 19.56
N ILE C 137 17.32 27.13 18.53
CA ILE C 137 17.82 25.92 17.87
C ILE C 137 19.06 26.24 17.05
N LYS C 138 19.07 27.38 16.37
CA LYS C 138 20.25 27.77 15.59
C LYS C 138 21.42 28.14 16.48
N ASN C 139 21.17 28.53 17.73
CA ASN C 139 22.26 28.79 18.66
C ASN C 139 22.75 27.52 19.33
N ALA C 140 21.84 26.58 19.63
CA ALA C 140 22.26 25.30 20.18
C ALA C 140 23.22 24.58 19.24
N LEU C 141 23.03 24.74 17.94
CA LEU C 141 23.93 24.18 16.92
C LEU C 141 24.93 25.23 16.45
N LYS C 142 25.38 26.11 17.34
CA LYS C 142 26.37 27.11 16.95
C LYS C 142 27.77 26.51 16.86
N LYS C 143 28.10 25.59 17.78
CA LYS C 143 29.41 24.96 17.81
C LYS C 143 29.34 23.45 17.67
N THR C 144 28.15 22.89 17.42
CA THR C 144 27.98 21.45 17.24
C THR C 144 26.95 21.20 16.15
N ASN C 145 27.07 20.05 15.50
CA ASN C 145 26.13 19.63 14.47
C ASN C 145 25.01 18.76 15.03
N GLU C 146 24.99 18.53 16.33
CA GLU C 146 23.92 17.75 16.95
C GLU C 146 23.80 18.17 18.41
N ALA C 147 22.58 18.46 18.84
CA ALA C 147 22.34 18.88 20.22
C ALA C 147 20.92 18.51 20.62
N VAL C 148 20.67 18.52 21.92
CA VAL C 148 19.35 18.24 22.47
C VAL C 148 18.73 19.57 22.88
N SER C 149 17.65 19.95 22.22
CA SER C 149 16.99 21.22 22.48
C SER C 149 15.70 20.99 23.23
N THR C 150 15.28 22.00 23.99
CA THR C 150 14.04 21.96 24.76
C THR C 150 13.22 23.19 24.42
N LEU C 151 11.99 22.96 23.96
CA LEU C 151 11.11 24.05 23.54
C LEU C 151 10.37 24.62 24.75
N GLY C 152 9.62 25.69 24.52
CA GLY C 152 8.82 26.27 25.60
C GLY C 152 7.77 25.31 26.13
N ASN C 153 7.27 24.42 25.27
CA ASN C 153 6.30 23.42 25.69
C ASN C 153 6.91 22.29 26.50
N GLY C 154 8.19 22.37 26.82
CA GLY C 154 8.89 21.28 27.47
C GLY C 154 9.28 20.15 26.55
N VAL C 155 8.88 20.21 25.27
CA VAL C 155 9.19 19.14 24.34
C VAL C 155 10.70 19.06 24.13
N ARG C 156 11.24 17.86 24.20
CA ARG C 156 12.68 17.61 24.09
C ARG C 156 12.96 17.05 22.70
N VAL C 157 13.47 17.89 21.81
CA VAL C 157 13.72 17.51 20.43
C VAL C 157 15.22 17.39 20.21
N LEU C 158 15.60 16.80 19.08
CA LEU C 158 17.00 16.68 18.68
C LEU C 158 17.25 17.61 17.50
N ALA C 159 18.19 18.53 17.65
CA ALA C 159 18.55 19.46 16.58
C ALA C 159 19.82 18.96 15.88
N THR C 160 19.79 18.97 14.55
CA THR C 160 20.89 18.53 13.71
C THR C 160 21.17 19.59 12.65
N ALA C 161 22.44 19.71 12.26
CA ALA C 161 22.88 20.70 11.29
C ALA C 161 23.52 19.99 10.09
N VAL C 162 23.14 20.41 8.89
CA VAL C 162 23.70 19.91 7.64
C VAL C 162 24.39 21.11 6.99
N ARG C 163 25.71 21.22 7.17
CA ARG C 163 26.44 22.43 6.79
C ARG C 163 27.40 22.23 5.62
N GLU C 164 27.25 21.15 4.85
CA GLU C 164 28.21 20.88 3.78
C GLU C 164 28.13 21.92 2.67
N LEU C 165 26.91 22.28 2.25
CA LEU C 165 26.76 23.23 1.16
C LEU C 165 27.20 24.62 1.57
N LYS C 166 26.88 25.05 2.79
CA LYS C 166 27.36 26.34 3.26
C LYS C 166 28.87 26.38 3.30
N ASP C 167 29.49 25.29 3.78
CA ASP C 167 30.94 25.23 3.81
C ASP C 167 31.53 25.33 2.41
N PHE C 168 30.93 24.62 1.44
CA PHE C 168 31.46 24.70 0.08
C PHE C 168 31.30 26.10 -0.50
N VAL C 169 30.15 26.75 -0.26
CA VAL C 169 29.91 28.04 -0.86
C VAL C 169 30.78 29.12 -0.23
N SER C 170 30.96 29.07 1.10
CA SER C 170 31.70 30.13 1.77
C SER C 170 33.21 29.90 1.72
N LYS C 171 33.65 28.65 1.63
CA LYS C 171 35.06 28.31 1.72
C LYS C 171 35.67 27.92 0.39
N ASN C 172 34.92 28.02 -0.71
CA ASN C 172 35.42 27.56 -1.99
C ASN C 172 34.78 28.27 -3.17
N LEU C 173 33.46 28.12 -3.34
CA LEU C 173 32.80 28.68 -4.50
C LEU C 173 32.91 30.20 -4.53
N THR C 174 32.78 30.84 -3.37
CA THR C 174 32.81 32.30 -3.33
C THR C 174 34.17 32.85 -3.77
N ARG C 175 35.25 32.12 -3.49
CA ARG C 175 36.57 32.57 -3.95
C ARG C 175 36.79 32.26 -5.43
N ALA C 176 36.18 31.18 -5.93
CA ALA C 176 36.38 30.81 -7.33
C ALA C 176 35.74 31.80 -8.28
N ILE C 177 34.55 32.31 -7.93
CA ILE C 177 33.82 33.25 -8.78
C ILE C 177 34.35 34.65 -8.54
N ASN C 178 35.37 35.05 -9.29
CA ASN C 178 35.96 36.37 -9.19
C ASN C 178 35.47 37.24 -10.35
N LYS C 179 34.94 38.42 -10.02
CA LYS C 179 34.47 39.37 -11.03
C LYS C 179 33.35 38.78 -11.88
N ASN C 180 32.49 37.98 -11.25
CA ASN C 180 31.28 37.46 -11.89
C ASN C 180 31.62 36.57 -13.10
N LYS C 181 32.71 35.83 -13.00
CA LYS C 181 33.12 34.90 -14.03
C LYS C 181 33.04 33.48 -13.47
N CYS C 182 32.14 32.67 -14.03
CA CYS C 182 31.93 31.30 -13.57
C CYS C 182 32.34 30.25 -14.59
N ASP C 183 32.82 30.67 -15.76
CA ASP C 183 33.37 29.73 -16.74
C ASP C 183 34.85 29.49 -16.48
N ILE C 184 35.16 29.12 -15.24
CA ILE C 184 36.53 28.97 -14.78
C ILE C 184 37.10 27.65 -15.29
N PRO C 185 38.43 27.49 -15.34
CA PRO C 185 39.01 26.22 -15.79
C PRO C 185 38.99 25.10 -14.75
N ASP C 186 38.31 25.27 -13.61
CA ASP C 186 38.29 24.28 -12.54
C ASP C 186 36.98 23.51 -12.61
N LEU C 187 37.02 22.34 -13.29
CA LEU C 187 35.83 21.50 -13.43
C LEU C 187 35.50 20.78 -12.13
N LYS C 188 36.53 20.42 -11.36
CA LYS C 188 36.30 19.85 -10.04
C LYS C 188 35.38 20.74 -9.21
N MET C 189 35.42 22.06 -9.43
CA MET C 189 34.55 22.96 -8.69
C MET C 189 33.08 22.69 -9.02
N ALA C 190 32.76 22.53 -10.31
CA ALA C 190 31.38 22.23 -10.68
C ALA C 190 30.95 20.86 -10.19
N VAL C 191 31.85 19.87 -10.29
CA VAL C 191 31.53 18.54 -9.79
C VAL C 191 31.22 18.61 -8.29
N SER C 192 32.03 19.36 -7.54
CA SER C 192 31.83 19.48 -6.11
C SER C 192 30.52 20.20 -5.80
N PHE C 193 30.21 21.25 -6.56
CA PHE C 193 28.93 21.94 -6.38
C PHE C 193 27.77 20.97 -6.54
N SER C 194 27.80 20.16 -7.60
CA SER C 194 26.76 19.16 -7.79
C SER C 194 26.68 18.20 -6.61
N GLN C 195 27.84 17.68 -6.19
CA GLN C 195 27.86 16.70 -5.11
C GLN C 195 27.29 17.29 -3.82
N PHE C 196 27.60 18.54 -3.53
CA PHE C 196 27.24 19.14 -2.26
C PHE C 196 25.89 19.84 -2.26
N ASN C 197 25.27 20.03 -3.43
CA ASN C 197 23.92 20.58 -3.48
C ASN C 197 22.87 19.57 -3.90
N ARG C 198 23.26 18.33 -4.24
CA ARG C 198 22.28 17.29 -4.55
C ARG C 198 21.25 17.16 -3.44
N ARG C 199 21.70 17.07 -2.19
CA ARG C 199 20.77 16.85 -1.09
C ARG C 199 19.82 18.04 -0.91
N PHE C 200 20.36 19.25 -0.97
CA PHE C 200 19.51 20.43 -0.84
C PHE C 200 18.44 20.45 -1.93
N LEU C 201 18.84 20.20 -3.18
CA LEU C 201 17.87 20.22 -4.27
C LEU C 201 16.81 19.14 -4.07
N ASN C 202 17.22 17.94 -3.64
CA ASN C 202 16.26 16.87 -3.43
C ASN C 202 15.29 17.21 -2.30
N VAL C 203 15.79 17.79 -1.21
CA VAL C 203 14.92 18.19 -0.11
C VAL C 203 13.89 19.20 -0.59
N VAL C 204 14.35 20.21 -1.32
CA VAL C 204 13.43 21.23 -1.82
C VAL C 204 12.38 20.59 -2.72
N ARG C 205 12.81 19.69 -3.61
CA ARG C 205 11.87 19.07 -4.55
C ARG C 205 10.82 18.25 -3.79
N GLN C 206 11.25 17.46 -2.80
CA GLN C 206 10.29 16.63 -2.07
C GLN C 206 9.32 17.48 -1.26
N PHE C 207 9.81 18.58 -0.66
CA PHE C 207 8.91 19.41 0.14
C PHE C 207 7.97 20.24 -0.73
N SER C 208 8.38 20.55 -1.96
CA SER C 208 7.49 21.29 -2.87
C SER C 208 6.47 20.38 -3.53
N ASP C 209 6.85 19.13 -3.82
CA ASP C 209 5.91 18.17 -4.41
C ASP C 209 4.88 17.65 -3.42
N ASN C 210 4.97 18.05 -2.14
CA ASN C 210 4.01 17.61 -1.13
C ASN C 210 3.48 18.76 -0.29
N ALA C 211 3.74 20.00 -0.69
CA ALA C 211 3.15 21.18 -0.05
C ALA C 211 3.59 21.33 1.40
N GLY C 212 4.81 20.90 1.72
CA GLY C 212 5.40 21.14 3.02
C GLY C 212 5.36 19.97 3.98
N ILE C 213 4.59 18.93 3.69
CA ILE C 213 4.49 17.76 4.56
C ILE C 213 4.69 16.54 3.69
N THR C 214 5.83 15.89 3.83
CA THR C 214 6.11 14.70 3.05
C THR C 214 5.46 13.48 3.70
N PRO C 215 4.97 12.52 2.92
CA PRO C 215 4.43 11.29 3.53
C PRO C 215 5.49 10.31 3.97
N ALA C 216 6.71 10.40 3.43
CA ALA C 216 7.78 9.48 3.74
C ALA C 216 9.06 10.25 4.00
N ILE C 217 9.96 9.65 4.77
CA ILE C 217 11.26 10.23 5.06
C ILE C 217 12.25 9.64 4.07
N SER C 218 12.71 10.45 3.13
CA SER C 218 13.71 10.02 2.17
C SER C 218 15.10 10.06 2.81
N LEU C 219 16.08 9.51 2.08
CA LEU C 219 17.47 9.60 2.53
C LEU C 219 18.00 11.02 2.45
N ASP C 220 17.28 11.94 1.81
CA ASP C 220 17.71 13.33 1.72
C ASP C 220 17.17 14.17 2.88
N LEU C 221 15.99 13.83 3.39
CA LEU C 221 15.52 14.49 4.60
C LEU C 221 16.32 13.98 5.81
N MET C 222 16.58 12.68 5.86
CA MET C 222 17.29 12.07 6.97
C MET C 222 17.99 10.82 6.46
N THR C 223 19.31 10.79 6.61
CA THR C 223 20.09 9.64 6.17
C THR C 223 19.95 8.50 7.17
N ASP C 224 20.66 7.40 6.92
CA ASP C 224 20.58 6.26 7.81
C ASP C 224 21.34 6.51 9.13
N ALA C 225 22.51 7.16 9.04
CA ALA C 225 23.25 7.47 10.25
C ALA C 225 22.53 8.49 11.11
N GLU C 226 21.96 9.51 10.48
CA GLU C 226 21.16 10.48 11.22
C GLU C 226 19.95 9.82 11.85
N LEU C 227 19.35 8.85 11.14
CA LEU C 227 18.22 8.11 11.72
C LEU C 227 18.65 7.32 12.95
N ALA C 228 19.80 6.65 12.86
CA ALA C 228 20.30 5.90 14.02
C ALA C 228 20.57 6.84 15.19
N ARG C 229 21.18 8.00 14.92
CA ARG C 229 21.45 8.95 15.99
C ARG C 229 20.15 9.44 16.61
N ALA C 230 19.14 9.72 15.79
CA ALA C 230 17.85 10.13 16.34
C ALA C 230 17.26 9.03 17.21
N VAL C 231 17.32 7.78 16.75
CA VAL C 231 16.81 6.67 17.54
C VAL C 231 17.50 6.61 18.90
N SER C 232 18.83 6.72 18.89
CA SER C 232 19.58 6.64 20.15
C SER C 232 19.18 7.73 21.13
N ASN C 233 18.62 8.85 20.66
CA ASN C 233 18.25 9.96 21.52
C ASN C 233 16.77 9.94 21.92
N MET C 234 16.06 8.85 21.63
CA MET C 234 14.63 8.85 21.91
C MET C 234 14.37 8.58 23.39
N PRO C 235 13.28 9.15 23.94
CA PRO C 235 12.96 8.97 25.38
C PRO C 235 12.33 7.62 25.69
N THR C 236 13.16 6.58 25.63
CA THR C 236 12.71 5.22 25.93
C THR C 236 13.90 4.43 26.44
N SER C 237 13.62 3.25 26.99
CA SER C 237 14.65 2.46 27.64
C SER C 237 15.57 1.83 26.59
N ALA C 238 16.59 1.12 27.09
CA ALA C 238 17.64 0.61 26.21
C ALA C 238 17.12 -0.48 25.28
N GLY C 239 16.25 -1.35 25.79
CA GLY C 239 15.76 -2.45 24.97
C GLY C 239 15.01 -1.97 23.74
N GLN C 240 14.14 -0.97 23.92
CA GLN C 240 13.40 -0.43 22.79
C GLN C 240 14.35 0.19 21.77
N ILE C 241 15.36 0.92 22.24
CA ILE C 241 16.29 1.56 21.31
C ILE C 241 17.07 0.50 20.54
N LYS C 242 17.49 -0.57 21.22
CA LYS C 242 18.20 -1.65 20.54
C LYS C 242 17.31 -2.28 19.47
N LEU C 243 16.07 -2.61 19.83
CA LEU C 243 15.17 -3.22 18.87
C LEU C 243 14.92 -2.31 17.68
N MET C 244 14.77 -1.00 17.92
CA MET C 244 14.48 -0.08 16.83
C MET C 244 15.68 0.14 15.93
N LEU C 245 16.89 0.18 16.51
CA LEU C 245 18.09 0.26 15.70
C LEU C 245 18.28 -0.98 14.84
N GLU C 246 17.88 -2.14 15.35
CA GLU C 246 17.93 -3.35 14.54
C GLU C 246 16.79 -3.42 13.51
N ASN C 247 15.80 -2.54 13.62
CA ASN C 247 14.69 -2.47 12.66
C ASN C 247 14.47 -1.02 12.25
N ARG C 248 15.49 -0.41 11.66
CA ARG C 248 15.40 1.00 11.31
C ARG C 248 14.41 1.25 10.17
N ALA C 249 14.30 0.30 9.24
CA ALA C 249 13.36 0.48 8.13
C ALA C 249 11.94 0.66 8.63
N MET C 250 11.52 -0.14 9.62
CA MET C 250 10.19 0.00 10.18
C MET C 250 9.99 1.37 10.79
N VAL C 251 11.04 1.95 11.37
CA VAL C 251 10.94 3.27 11.97
C VAL C 251 10.78 4.33 10.89
N ARG C 252 11.64 4.28 9.87
CA ARG C 252 11.54 5.27 8.80
C ARG C 252 10.19 5.20 8.11
N ARG C 253 9.66 3.98 7.93
CA ARG C 253 8.43 3.81 7.16
C ARG C 253 7.27 4.57 7.78
N LYS C 254 7.17 4.55 9.11
CA LYS C 254 6.06 5.16 9.82
C LYS C 254 6.29 6.64 10.16
N GLY C 255 7.35 7.25 9.62
CA GLY C 255 7.67 8.63 9.91
C GLY C 255 7.35 9.55 8.74
N PHE C 256 7.36 10.84 9.03
CA PHE C 256 7.05 11.87 8.04
C PHE C 256 7.88 13.11 8.35
N GLY C 257 7.79 14.09 7.47
CA GLY C 257 8.51 15.34 7.64
C GLY C 257 7.62 16.53 7.38
N ILE C 258 7.90 17.61 8.11
CA ILE C 258 7.16 18.85 7.99
C ILE C 258 8.16 19.99 7.80
N LEU C 259 7.96 20.78 6.75
CA LEU C 259 8.81 21.93 6.52
C LEU C 259 8.48 23.02 7.54
N ILE C 260 9.52 23.55 8.18
CA ILE C 260 9.35 24.66 9.12
C ILE C 260 9.44 26.00 8.39
N GLY C 261 10.48 26.20 7.60
CA GLY C 261 10.58 27.40 6.80
C GLY C 261 12.00 27.72 6.42
N VAL C 262 12.14 28.74 5.58
CA VAL C 262 13.43 29.20 5.07
C VAL C 262 13.77 30.47 5.83
N TYR C 263 14.67 30.37 6.79
CA TYR C 263 15.09 31.48 7.65
C TYR C 263 16.48 31.93 7.20
N GLY C 264 16.51 32.91 6.30
CA GLY C 264 17.78 33.33 5.72
C GLY C 264 18.23 32.36 4.67
N SER C 265 19.47 31.90 4.78
CA SER C 265 19.98 30.83 3.94
C SER C 265 19.85 29.47 4.61
N SER C 266 19.14 29.38 5.73
CA SER C 266 18.98 28.15 6.49
C SER C 266 17.58 27.60 6.27
N VAL C 267 17.50 26.43 5.64
CA VAL C 267 16.24 25.72 5.48
C VAL C 267 16.04 24.86 6.70
N ILE C 268 15.02 25.17 7.50
CA ILE C 268 14.72 24.42 8.71
C ILE C 268 13.50 23.56 8.44
N TYR C 269 13.62 22.26 8.73
CA TYR C 269 12.50 21.33 8.64
C TYR C 269 12.58 20.38 9.83
N MET C 270 11.64 19.45 9.91
CA MET C 270 11.61 18.51 11.01
C MET C 270 11.14 17.14 10.52
N VAL C 271 11.71 16.10 11.11
CA VAL C 271 11.31 14.72 10.85
C VAL C 271 10.72 14.15 12.13
N GLN C 272 9.52 13.61 12.02
CA GLN C 272 8.86 12.93 13.13
C GLN C 272 9.05 11.43 12.97
N LEU C 273 9.67 10.81 13.95
CA LEU C 273 9.96 9.39 13.95
C LEU C 273 9.13 8.66 15.00
N PRO C 274 8.68 7.45 14.72
CA PRO C 274 7.86 6.73 15.71
C PRO C 274 8.70 6.25 16.88
N ILE C 275 8.15 6.40 18.09
CA ILE C 275 8.79 5.93 19.31
C ILE C 275 8.01 4.70 19.76
N PHE C 276 8.63 3.53 19.63
CA PHE C 276 8.06 2.26 20.06
C PHE C 276 8.47 2.00 21.50
N GLY C 277 7.59 2.34 22.44
CA GLY C 277 7.91 2.25 23.85
C GLY C 277 7.47 0.96 24.50
N VAL C 278 6.53 0.27 23.86
CA VAL C 278 6.00 -1.00 24.34
C VAL C 278 6.51 -2.09 23.41
N ILE C 279 7.25 -3.05 23.96
CA ILE C 279 7.79 -4.16 23.20
C ILE C 279 7.68 -5.43 24.01
N ASP C 280 7.82 -6.57 23.31
CA ASP C 280 7.91 -7.87 23.95
C ASP C 280 6.73 -8.12 24.89
N THR C 281 5.53 -7.78 24.43
CA THR C 281 4.29 -8.15 25.09
C THR C 281 3.50 -9.06 24.16
N PRO C 282 2.54 -9.81 24.69
CA PRO C 282 1.87 -10.82 23.88
C PRO C 282 1.11 -10.22 22.70
N CYS C 283 1.22 -10.89 21.56
CA CYS C 283 0.33 -10.70 20.43
C CYS C 283 -0.16 -12.08 19.98
N TRP C 284 -1.38 -12.12 19.47
CA TRP C 284 -1.96 -13.38 18.99
C TRP C 284 -2.89 -13.08 17.83
N ILE C 285 -3.05 -14.06 16.95
CA ILE C 285 -3.90 -13.93 15.76
C ILE C 285 -5.00 -14.97 15.84
N VAL C 286 -6.24 -14.53 15.62
CA VAL C 286 -7.41 -15.40 15.63
C VAL C 286 -7.93 -15.51 14.21
N LYS C 287 -8.08 -16.74 13.71
CA LYS C 287 -8.61 -16.99 12.39
C LYS C 287 -9.67 -18.07 12.47
N ALA C 288 -10.80 -17.89 11.79
CA ALA C 288 -11.95 -18.76 11.97
C ALA C 288 -12.55 -19.17 10.64
N ALA C 289 -13.46 -20.13 10.72
CA ALA C 289 -14.21 -20.63 9.58
C ALA C 289 -15.60 -21.02 10.06
N PRO C 290 -16.56 -21.20 9.15
CA PRO C 290 -17.93 -21.54 9.57
C PRO C 290 -18.00 -22.88 10.27
N SER C 291 -18.54 -22.87 11.49
CA SER C 291 -18.78 -24.07 12.27
C SER C 291 -20.27 -24.40 12.18
N CYS C 292 -20.61 -25.47 11.46
CA CYS C 292 -21.99 -25.83 11.20
C CYS C 292 -22.32 -27.19 11.78
N SER C 293 -23.49 -27.27 12.43
CA SER C 293 -24.04 -28.51 12.95
C SER C 293 -25.42 -28.73 12.34
N GLU C 294 -25.96 -29.94 12.53
CA GLU C 294 -27.25 -30.31 11.97
C GLU C 294 -28.13 -30.90 13.06
N LYS C 295 -29.42 -30.55 13.03
CA LYS C 295 -30.41 -31.09 13.95
C LYS C 295 -31.71 -31.28 13.17
N LYS C 296 -32.11 -32.54 12.98
CA LYS C 296 -33.33 -32.87 12.25
C LYS C 296 -33.38 -32.13 10.92
N GLY C 297 -32.25 -32.16 10.22
CA GLY C 297 -32.15 -31.51 8.92
C GLY C 297 -31.80 -30.03 8.98
N ASN C 298 -32.31 -29.32 10.00
CA ASN C 298 -32.05 -27.89 10.12
C ASN C 298 -30.61 -27.65 10.52
N TYR C 299 -29.89 -26.86 9.74
CA TYR C 299 -28.50 -26.55 10.03
C TYR C 299 -28.40 -25.32 10.91
N ALA C 300 -27.31 -25.26 11.67
CA ALA C 300 -26.99 -24.13 12.53
C ALA C 300 -25.50 -23.81 12.33
N CYS C 301 -25.20 -22.68 11.73
CA CYS C 301 -23.83 -22.27 11.44
C CYS C 301 -23.47 -21.05 12.27
N LEU C 302 -22.26 -21.05 12.81
CA LEU C 302 -21.73 -19.94 13.59
C LEU C 302 -20.34 -19.59 13.05
N LEU C 303 -20.08 -18.29 12.95
CA LEU C 303 -18.79 -17.81 12.45
C LEU C 303 -18.32 -16.67 13.35
N ARG C 304 -17.10 -16.80 13.88
CA ARG C 304 -16.53 -15.75 14.70
C ARG C 304 -16.25 -14.51 13.87
N GLU C 305 -16.70 -13.35 14.36
CA GLU C 305 -16.50 -12.08 13.68
C GLU C 305 -15.44 -11.23 14.38
N ASP C 306 -14.59 -11.84 15.19
CA ASP C 306 -13.51 -11.15 15.89
C ASP C 306 -12.14 -11.59 15.39
N GLN C 307 -12.06 -12.09 14.16
CA GLN C 307 -10.80 -12.56 13.61
C GLN C 307 -9.89 -11.37 13.37
N GLY C 308 -8.59 -11.60 13.54
CA GLY C 308 -7.60 -10.58 13.28
C GLY C 308 -6.46 -10.65 14.28
N TRP C 309 -5.71 -9.55 14.37
CA TRP C 309 -4.59 -9.48 15.29
C TRP C 309 -5.02 -8.84 16.61
N TYR C 310 -4.37 -9.27 17.69
CA TYR C 310 -4.60 -8.74 19.03
C TYR C 310 -3.25 -8.58 19.70
N CYS C 311 -3.08 -7.49 20.43
CA CYS C 311 -1.82 -7.23 21.14
C CYS C 311 -2.10 -6.58 22.48
N GLN C 312 -1.28 -6.92 23.47
CA GLN C 312 -1.42 -6.39 24.82
C GLN C 312 -0.61 -5.11 24.91
N ASN C 313 -1.24 -3.99 24.55
CA ASN C 313 -0.63 -2.68 24.69
C ASN C 313 -0.75 -2.24 26.15
N ALA C 314 0.20 -2.72 26.95
CA ALA C 314 0.37 -2.29 28.34
C ALA C 314 -0.93 -2.13 29.09
N GLY C 315 -1.63 -3.23 29.34
CA GLY C 315 -2.84 -3.20 30.12
C GLY C 315 -4.10 -2.96 29.31
N SER C 316 -3.98 -2.55 28.05
CA SER C 316 -5.12 -2.40 27.16
C SER C 316 -4.99 -3.39 26.02
N THR C 317 -6.02 -4.20 25.80
CA THR C 317 -6.01 -5.12 24.66
C THR C 317 -6.43 -4.37 23.41
N VAL C 318 -5.61 -4.43 22.37
CA VAL C 318 -5.84 -3.73 21.12
C VAL C 318 -6.11 -4.76 20.04
N TYR C 319 -7.09 -4.47 19.19
CA TYR C 319 -7.53 -5.34 18.10
C TYR C 319 -7.30 -4.64 16.78
N TYR C 320 -6.70 -5.35 15.84
CA TYR C 320 -6.46 -4.87 14.48
C TYR C 320 -7.23 -5.78 13.54
N PRO C 321 -8.34 -5.32 12.93
CA PRO C 321 -9.20 -6.23 12.16
C PRO C 321 -8.55 -6.68 10.86
N ASN C 322 -7.98 -5.73 10.12
CA ASN C 322 -7.37 -6.01 8.83
C ASN C 322 -5.92 -6.43 9.05
N GLU C 323 -5.57 -7.61 8.55
CA GLU C 323 -4.23 -8.15 8.78
C GLU C 323 -3.13 -7.32 8.12
N LYS C 324 -3.48 -6.38 7.25
CA LYS C 324 -2.48 -5.48 6.69
C LYS C 324 -2.04 -4.41 7.68
N ASP C 325 -2.70 -4.31 8.84
CA ASP C 325 -2.30 -3.35 9.86
C ASP C 325 -1.12 -3.83 10.70
N CYS C 326 -0.72 -5.08 10.55
CA CYS C 326 0.41 -5.64 11.28
C CYS C 326 1.34 -6.36 10.31
N GLU C 327 2.63 -6.33 10.63
CA GLU C 327 3.67 -6.94 9.82
C GLU C 327 4.58 -7.77 10.72
N THR C 328 4.89 -8.99 10.29
CA THR C 328 5.69 -9.91 11.09
C THR C 328 7.15 -9.85 10.65
N ARG C 329 8.04 -9.55 11.58
CA ARG C 329 9.49 -9.56 11.36
C ARG C 329 10.08 -10.54 12.38
N GLY C 330 10.42 -11.73 11.93
CA GLY C 330 10.95 -12.73 12.85
C GLY C 330 9.92 -13.06 13.91
N ASP C 331 10.35 -12.97 15.17
CA ASP C 331 9.45 -13.24 16.29
C ASP C 331 8.59 -12.04 16.65
N HIS C 332 8.83 -10.87 16.06
CA HIS C 332 8.14 -9.65 16.46
C HIS C 332 7.04 -9.30 15.47
N VAL C 333 6.04 -8.58 15.97
CA VAL C 333 4.89 -8.15 15.18
C VAL C 333 4.76 -6.65 15.36
N PHE C 334 4.99 -5.90 14.29
CA PHE C 334 4.83 -4.46 14.30
C PHE C 334 3.40 -4.14 13.87
N CYS C 335 2.59 -3.64 14.80
CA CYS C 335 1.22 -3.24 14.52
C CYS C 335 1.10 -1.73 14.62
N ASP C 336 0.33 -1.15 13.71
CA ASP C 336 0.10 0.29 13.70
C ASP C 336 -0.87 0.65 14.82
N THR C 337 -0.41 1.45 15.79
CA THR C 337 -1.30 1.85 16.88
C THR C 337 -2.52 2.59 16.35
N ALA C 338 -2.35 3.37 15.29
CA ALA C 338 -3.49 3.85 14.53
C ALA C 338 -4.14 2.66 13.82
N ALA C 339 -5.46 2.72 13.67
CA ALA C 339 -6.29 1.64 13.16
C ALA C 339 -6.49 0.54 14.20
N GLY C 340 -5.98 0.72 15.42
CA GLY C 340 -6.26 -0.21 16.48
C GLY C 340 -7.54 0.15 17.22
N ILE C 341 -8.18 -0.86 17.80
CA ILE C 341 -9.44 -0.69 18.51
C ILE C 341 -9.29 -1.32 19.89
N ASN C 342 -9.45 -0.53 20.93
CA ASN C 342 -9.39 -1.09 22.28
C ASN C 342 -10.59 -1.99 22.51
N VAL C 343 -10.33 -3.18 23.07
CA VAL C 343 -11.39 -4.13 23.38
C VAL C 343 -11.24 -4.52 24.84
N ALA C 344 -12.35 -4.94 25.44
CA ALA C 344 -12.35 -5.30 26.85
C ALA C 344 -11.52 -6.56 27.09
N GLU C 345 -10.97 -6.66 28.29
CA GLU C 345 -10.24 -7.86 28.69
C GLU C 345 -11.11 -9.11 28.50
N GLN C 346 -12.40 -9.01 28.83
CA GLN C 346 -13.27 -10.18 28.80
C GLN C 346 -13.45 -10.73 27.39
N SER C 347 -13.20 -9.91 26.36
CA SER C 347 -13.31 -10.41 24.99
C SER C 347 -12.41 -11.63 24.78
N LYS C 348 -11.24 -11.64 25.44
CA LYS C 348 -10.33 -12.78 25.31
C LYS C 348 -11.05 -14.10 25.59
N GLU C 349 -12.00 -14.09 26.52
CA GLU C 349 -12.65 -15.34 26.92
C GLU C 349 -13.37 -16.01 25.75
N CYS C 350 -13.61 -15.29 24.66
CA CYS C 350 -14.22 -15.93 23.49
C CYS C 350 -13.36 -17.07 22.94
N ASN C 351 -12.08 -17.09 23.25
CA ASN C 351 -11.21 -18.19 22.84
C ASN C 351 -11.24 -19.37 23.81
N ILE C 352 -11.90 -19.21 24.96
CA ILE C 352 -12.06 -20.31 25.92
C ILE C 352 -13.48 -20.89 25.87
N ASN C 353 -14.49 -20.03 25.80
CA ASN C 353 -15.88 -20.49 25.77
C ASN C 353 -16.68 -19.47 24.97
N ILE C 354 -16.91 -19.76 23.68
CA ILE C 354 -17.59 -18.82 22.81
C ILE C 354 -19.00 -18.51 23.29
N SER C 355 -19.56 -19.35 24.16
CA SER C 355 -20.91 -19.17 24.68
C SER C 355 -20.92 -18.46 26.03
N THR C 356 -19.83 -17.82 26.40
CA THR C 356 -19.74 -17.19 27.72
C THR C 356 -20.73 -16.05 27.84
N THR C 357 -21.20 -15.83 29.06
CA THR C 357 -22.06 -14.70 29.37
C THR C 357 -21.30 -13.49 29.90
N ASN C 358 -20.00 -13.63 30.15
CA ASN C 358 -19.20 -12.53 30.64
C ASN C 358 -18.82 -11.53 29.56
N TYR C 359 -19.17 -11.77 28.30
CA TYR C 359 -18.87 -10.86 27.21
C TYR C 359 -19.70 -11.24 26.00
N PRO C 360 -20.26 -10.28 25.25
CA PRO C 360 -21.01 -10.62 24.03
C PRO C 360 -20.08 -10.91 22.86
N CYS C 361 -19.61 -12.15 22.76
CA CYS C 361 -18.66 -12.50 21.72
C CYS C 361 -19.25 -12.22 20.34
N LYS C 362 -18.47 -11.57 19.49
CA LYS C 362 -18.93 -11.19 18.16
C LYS C 362 -18.98 -12.41 17.27
N VAL C 363 -20.19 -12.85 16.93
CA VAL C 363 -20.39 -13.98 16.03
C VAL C 363 -21.55 -13.68 15.09
N SER C 364 -21.54 -14.35 13.95
CA SER C 364 -22.63 -14.32 12.98
C SER C 364 -23.22 -15.71 12.89
N THR C 365 -24.54 -15.77 12.78
CA THR C 365 -25.27 -17.03 12.72
C THR C 365 -25.92 -17.20 11.35
N GLY C 366 -26.25 -18.45 11.03
CA GLY C 366 -26.88 -18.74 9.76
C GLY C 366 -27.41 -20.16 9.74
N ARG C 367 -28.02 -20.52 8.60
CA ARG C 367 -28.57 -21.85 8.41
C ARG C 367 -28.11 -22.50 7.11
N HIS C 368 -27.22 -21.86 6.35
CA HIS C 368 -26.75 -22.40 5.07
C HIS C 368 -25.25 -22.61 5.13
N PRO C 369 -24.78 -23.84 5.40
CA PRO C 369 -23.33 -24.06 5.51
C PRO C 369 -22.58 -23.66 4.25
N ILE C 370 -21.44 -23.00 4.45
CA ILE C 370 -20.56 -22.60 3.37
C ILE C 370 -19.21 -23.27 3.59
N SER C 371 -18.70 -23.93 2.57
CA SER C 371 -17.38 -24.54 2.64
C SER C 371 -16.31 -23.49 2.40
N MET C 372 -15.24 -23.54 3.19
CA MET C 372 -14.26 -22.46 3.20
C MET C 372 -12.92 -22.95 3.72
N VAL C 373 -11.87 -22.25 3.31
CA VAL C 373 -10.51 -22.48 3.80
C VAL C 373 -10.01 -21.17 4.39
N ALA C 374 -9.54 -21.22 5.64
CA ALA C 374 -8.96 -20.07 6.33
C ALA C 374 -7.53 -20.43 6.72
N LEU C 375 -6.57 -19.86 6.00
CA LEU C 375 -5.17 -20.16 6.27
C LEU C 375 -4.73 -19.49 7.57
N SER C 376 -4.08 -20.25 8.43
CA SER C 376 -3.55 -19.78 9.70
C SER C 376 -2.03 -19.80 9.66
N PRO C 377 -1.37 -19.01 10.51
CA PRO C 377 0.09 -18.88 10.40
C PRO C 377 0.83 -20.20 10.34
N LEU C 378 0.31 -21.24 10.99
CA LEU C 378 0.99 -22.54 11.03
C LEU C 378 0.08 -23.66 10.55
N GLY C 379 -0.92 -23.34 9.74
CA GLY C 379 -1.81 -24.35 9.23
C GLY C 379 -3.02 -23.81 8.49
N ALA C 380 -4.16 -24.46 8.65
CA ALA C 380 -5.36 -24.06 7.92
C ALA C 380 -6.59 -24.70 8.55
N LEU C 381 -7.66 -23.90 8.63
CA LEU C 381 -8.98 -24.39 8.99
C LEU C 381 -9.76 -24.69 7.71
N VAL C 382 -10.38 -25.87 7.67
CA VAL C 382 -11.11 -26.32 6.49
C VAL C 382 -12.51 -26.69 6.94
N ALA C 383 -13.50 -25.92 6.48
CA ALA C 383 -14.91 -26.23 6.70
C ALA C 383 -15.43 -26.86 5.42
N CYS C 384 -15.80 -28.14 5.49
CA CYS C 384 -16.27 -28.91 4.35
C CYS C 384 -17.70 -29.34 4.59
N TYR C 385 -18.59 -29.08 3.64
CA TYR C 385 -20.00 -29.42 3.79
C TYR C 385 -20.53 -29.96 2.48
N LYS C 386 -21.84 -30.24 2.46
CA LYS C 386 -22.44 -30.91 1.32
C LYS C 386 -22.12 -30.19 0.02
N GLY C 387 -21.87 -30.97 -1.03
CA GLY C 387 -21.63 -30.44 -2.35
C GLY C 387 -20.20 -30.04 -2.64
N VAL C 388 -19.27 -30.34 -1.74
CA VAL C 388 -17.87 -29.97 -1.91
C VAL C 388 -17.01 -31.17 -1.55
N SER C 389 -15.93 -31.35 -2.29
CA SER C 389 -14.98 -32.43 -2.05
C SER C 389 -13.65 -31.77 -1.63
N CYS C 390 -13.36 -31.82 -0.34
CA CYS C 390 -12.18 -31.21 0.23
C CYS C 390 -11.09 -32.26 0.45
N SER C 391 -9.84 -31.83 0.30
CA SER C 391 -8.73 -32.77 0.39
C SER C 391 -7.47 -32.04 0.83
N ILE C 392 -6.52 -32.83 1.34
CA ILE C 392 -5.19 -32.34 1.68
C ILE C 392 -4.19 -33.17 0.90
N GLY C 393 -3.12 -32.51 0.43
CA GLY C 393 -2.14 -33.16 -0.40
C GLY C 393 -0.74 -32.59 -0.18
N SER C 394 0.22 -33.20 -0.86
CA SER C 394 1.62 -32.83 -0.78
C SER C 394 2.12 -32.36 -2.14
N ASN C 395 3.28 -31.69 -2.11
CA ASN C 395 3.90 -31.23 -3.35
C ASN C 395 4.72 -32.31 -4.02
N ARG C 396 5.07 -33.38 -3.31
CA ARG C 396 5.87 -34.45 -3.86
C ARG C 396 5.06 -35.68 -4.24
N VAL C 397 4.08 -36.07 -3.41
CA VAL C 397 3.29 -37.26 -3.67
C VAL C 397 1.87 -36.95 -4.13
N GLY C 398 1.44 -35.69 -4.06
CA GLY C 398 0.09 -35.35 -4.47
C GLY C 398 -0.92 -35.47 -3.36
N ILE C 399 -2.13 -35.94 -3.70
CA ILE C 399 -3.19 -36.04 -2.71
C ILE C 399 -2.76 -36.95 -1.58
N ILE C 400 -3.00 -36.52 -0.35
CA ILE C 400 -2.73 -37.31 0.84
C ILE C 400 -4.00 -37.96 1.38
N LYS C 401 -5.06 -37.16 1.52
CA LYS C 401 -6.23 -37.63 2.26
C LYS C 401 -7.44 -36.77 1.93
N GLN C 402 -8.56 -37.43 1.65
CA GLN C 402 -9.84 -36.75 1.53
C GLN C 402 -10.34 -36.38 2.92
N LEU C 403 -10.80 -35.15 3.09
CA LEU C 403 -11.27 -34.67 4.38
C LEU C 403 -12.74 -35.00 4.58
N ASN C 404 -13.09 -35.37 5.80
CA ASN C 404 -14.47 -35.65 6.16
C ASN C 404 -15.23 -34.34 6.35
N LYS C 405 -16.54 -34.41 6.17
CA LYS C 405 -17.38 -33.23 6.35
C LYS C 405 -17.34 -32.78 7.79
N GLY C 406 -17.34 -31.47 7.99
CA GLY C 406 -17.16 -30.82 9.27
C GLY C 406 -16.04 -29.82 9.18
N CYS C 407 -15.51 -29.45 10.34
CA CYS C 407 -14.40 -28.50 10.43
C CYS C 407 -13.16 -29.26 10.87
N SER C 408 -12.10 -29.16 10.06
CA SER C 408 -10.84 -29.83 10.33
C SER C 408 -9.72 -28.80 10.43
N TYR C 409 -8.70 -29.13 11.22
CA TYR C 409 -7.52 -28.28 11.34
C TYR C 409 -6.30 -29.05 10.80
N ILE C 410 -5.69 -28.50 9.77
CA ILE C 410 -4.54 -29.12 9.11
C ILE C 410 -3.30 -28.32 9.48
N THR C 411 -2.22 -29.01 9.80
CA THR C 411 -0.96 -28.37 10.14
C THR C 411 -0.03 -28.38 8.93
N ASN C 412 0.83 -27.37 8.86
CA ASN C 412 1.83 -27.31 7.79
C ASN C 412 2.82 -28.47 7.86
N GLN C 413 2.77 -29.28 8.93
CA GLN C 413 3.56 -30.50 9.01
C GLN C 413 2.83 -31.71 8.47
N ASP C 414 1.49 -31.67 8.43
CA ASP C 414 0.71 -32.79 7.92
C ASP C 414 0.56 -32.75 6.41
N ALA C 415 0.43 -31.57 5.83
CA ALA C 415 0.23 -31.43 4.40
C ALA C 415 0.85 -30.14 3.91
N ASP C 416 0.99 -30.04 2.58
CA ASP C 416 1.51 -28.83 1.94
C ASP C 416 0.44 -28.07 1.18
N THR C 417 -0.67 -28.70 0.82
CA THR C 417 -1.71 -28.06 0.03
C THR C 417 -3.08 -28.49 0.55
N VAL C 418 -4.02 -27.56 0.57
CA VAL C 418 -5.42 -27.84 0.86
C VAL C 418 -6.22 -27.53 -0.40
N THR C 419 -7.27 -28.30 -0.63
CA THR C 419 -8.05 -28.18 -1.86
C THR C 419 -9.53 -28.24 -1.55
N ILE C 420 -10.28 -27.30 -2.11
CA ILE C 420 -11.73 -27.30 -2.11
C ILE C 420 -12.18 -27.25 -3.57
N ASP C 421 -12.72 -28.38 -4.06
CA ASP C 421 -13.09 -28.50 -5.46
C ASP C 421 -11.88 -28.22 -6.35
N ASN C 422 -11.88 -27.08 -7.04
CA ASN C 422 -10.78 -26.72 -7.94
C ASN C 422 -9.89 -25.61 -7.38
N THR C 423 -10.19 -25.11 -6.18
CA THR C 423 -9.39 -24.07 -5.56
C THR C 423 -8.36 -24.70 -4.64
N VAL C 424 -7.10 -24.30 -4.79
CA VAL C 424 -5.99 -24.90 -4.06
C VAL C 424 -5.27 -23.79 -3.31
N TYR C 425 -5.13 -23.97 -2.00
CA TYR C 425 -4.36 -23.08 -1.14
C TYR C 425 -3.08 -23.79 -0.72
N GLN C 426 -1.98 -23.03 -0.67
CA GLN C 426 -0.70 -23.54 -0.23
C GLN C 426 -0.44 -23.09 1.20
N LEU C 427 -0.13 -24.05 2.07
CA LEU C 427 0.16 -23.73 3.46
C LEU C 427 1.61 -23.28 3.60
N SER C 428 1.89 -22.60 4.71
CA SER C 428 3.22 -22.07 4.96
C SER C 428 4.20 -23.17 5.33
N LEU D 19 -5.62 -13.78 -23.27
CA LEU D 19 -4.22 -13.41 -23.25
C LEU D 19 -3.36 -14.41 -24.01
N LYS D 20 -2.29 -13.93 -24.64
CA LYS D 20 -1.35 -14.77 -25.36
C LYS D 20 0.01 -14.62 -24.72
N GLU D 21 0.59 -15.73 -24.25
CA GLU D 21 1.93 -15.74 -23.71
C GLU D 21 2.85 -16.42 -24.72
N SER D 22 3.88 -15.71 -25.16
CA SER D 22 4.82 -16.19 -26.15
C SER D 22 6.17 -16.41 -25.49
N TYR D 23 6.79 -17.55 -25.79
CA TYR D 23 8.06 -17.95 -25.20
C TYR D 23 9.18 -17.67 -26.19
N LEU D 24 10.15 -16.84 -25.78
CA LEU D 24 11.29 -16.46 -26.60
C LEU D 24 12.49 -17.28 -26.14
N GLU D 25 12.88 -18.27 -26.95
CA GLU D 25 14.01 -19.13 -26.60
C GLU D 25 15.33 -18.39 -26.70
N GLU D 26 15.45 -17.47 -27.66
CA GLU D 26 16.70 -16.74 -27.85
C GLU D 26 17.24 -16.19 -26.54
N SER D 27 16.36 -15.63 -25.71
CA SER D 27 16.78 -14.99 -24.46
C SER D 27 16.14 -15.64 -23.23
N CYS D 28 15.52 -16.81 -23.39
CA CYS D 28 14.84 -17.49 -22.29
C CYS D 28 13.93 -16.52 -21.55
N SER D 29 12.91 -16.05 -22.25
CA SER D 29 11.99 -15.07 -21.68
C SER D 29 10.58 -15.37 -22.15
N THR D 30 9.63 -14.65 -21.57
CA THR D 30 8.23 -14.72 -21.98
C THR D 30 7.70 -13.30 -22.10
N ILE D 31 6.83 -13.10 -23.08
CA ILE D 31 6.07 -11.86 -23.23
C ILE D 31 4.60 -12.24 -23.23
N THR D 32 3.84 -11.66 -22.29
CA THR D 32 2.41 -11.92 -22.17
C THR D 32 1.66 -10.68 -22.64
N GLU D 33 0.75 -10.87 -23.59
CA GLU D 33 0.08 -9.79 -24.29
C GLU D 33 -1.43 -10.03 -24.28
N GLY D 34 -2.17 -9.01 -24.70
CA GLY D 34 -3.62 -9.03 -24.71
C GLY D 34 -4.25 -8.05 -23.74
N TYR D 35 -3.47 -7.45 -22.86
CA TYR D 35 -4.03 -6.56 -21.85
C TYR D 35 -4.48 -5.24 -22.46
N LEU D 36 -5.46 -4.62 -21.81
CA LEU D 36 -5.98 -3.31 -22.20
C LEU D 36 -5.59 -2.29 -21.15
N SER D 37 -5.18 -1.11 -21.61
CA SER D 37 -4.57 -0.13 -20.74
C SER D 37 -5.62 0.79 -20.11
N VAL D 38 -5.24 1.39 -18.99
CA VAL D 38 -6.00 2.45 -18.35
C VAL D 38 -4.98 3.44 -17.77
N LEU D 39 -4.81 4.59 -18.44
CA LEU D 39 -3.70 5.47 -18.17
C LEU D 39 -4.19 6.90 -18.02
N ARG D 40 -3.70 7.56 -16.96
CA ARG D 40 -4.10 8.92 -16.66
C ARG D 40 -3.49 9.91 -17.65
N THR D 41 -4.24 10.99 -17.91
CA THR D 41 -3.78 12.04 -18.79
C THR D 41 -3.93 13.44 -18.18
N GLY D 42 -4.54 13.55 -17.00
CA GLY D 42 -4.70 14.86 -16.39
C GLY D 42 -5.48 14.76 -15.11
N TRP D 43 -5.82 15.92 -14.57
CA TRP D 43 -6.53 16.02 -13.30
C TRP D 43 -7.72 16.94 -13.47
N TYR D 44 -8.90 16.46 -13.08
CA TYR D 44 -10.12 17.24 -13.10
C TYR D 44 -10.36 17.81 -11.70
N THR D 45 -10.88 19.03 -11.65
CA THR D 45 -11.09 19.75 -10.40
C THR D 45 -12.58 19.90 -10.14
N ASN D 46 -13.03 19.45 -8.97
CA ASN D 46 -14.40 19.62 -8.52
C ASN D 46 -14.36 20.46 -7.25
N VAL D 47 -14.78 21.72 -7.36
CA VAL D 47 -14.84 22.62 -6.21
C VAL D 47 -16.19 22.43 -5.54
N PHE D 48 -16.18 22.31 -4.20
CA PHE D 48 -17.39 22.14 -3.42
C PHE D 48 -17.59 23.36 -2.53
N THR D 49 -18.85 23.80 -2.42
CA THR D 49 -19.29 24.82 -1.48
C THR D 49 -20.26 24.17 -0.51
N LEU D 50 -19.82 23.99 0.75
CA LEU D 50 -20.67 23.44 1.79
C LEU D 50 -21.30 24.60 2.54
N GLU D 51 -22.62 24.73 2.46
CA GLU D 51 -23.36 25.83 3.06
C GLU D 51 -23.77 25.45 4.48
N VAL D 52 -23.43 26.30 5.44
CA VAL D 52 -23.77 26.07 6.83
C VAL D 52 -24.89 26.95 7.31
N GLY D 53 -25.10 28.08 6.71
CA GLY D 53 -26.13 29.00 7.08
C GLY D 53 -25.69 29.94 8.18
N ASP D 54 -26.68 30.64 8.74
CA ASP D 54 -26.44 31.61 9.81
C ASP D 54 -26.64 30.96 11.18
N VAL D 55 -25.72 30.04 11.49
CA VAL D 55 -25.72 29.41 12.79
C VAL D 55 -25.10 30.30 13.86
N GLU D 56 -24.31 31.29 13.45
CA GLU D 56 -23.67 32.18 14.42
C GLU D 56 -24.65 33.20 15.00
N ASN D 57 -25.76 33.44 14.32
CA ASN D 57 -26.84 34.29 14.84
C ASN D 57 -27.90 33.49 15.58
N LEU D 58 -27.63 32.23 15.89
CA LEU D 58 -28.53 31.38 16.67
C LEU D 58 -27.94 31.20 18.06
N THR D 59 -28.71 31.54 19.09
CA THR D 59 -28.23 31.54 20.46
C THR D 59 -29.15 30.69 21.33
N CYS D 60 -28.59 29.67 21.98
CA CYS D 60 -29.31 28.85 22.94
C CYS D 60 -28.95 29.34 24.34
N ALA D 61 -29.94 29.90 25.04
CA ALA D 61 -29.74 30.40 26.40
C ALA D 61 -30.92 29.95 27.26
N ASP D 62 -31.04 28.64 27.45
CA ASP D 62 -32.12 28.07 28.26
C ASP D 62 -31.64 26.84 29.03
N GLY D 63 -30.34 26.73 29.29
CA GLY D 63 -29.79 25.57 29.95
C GLY D 63 -29.29 24.55 28.95
N PRO D 64 -28.56 23.55 29.44
CA PRO D 64 -28.01 22.53 28.53
C PRO D 64 -29.10 21.79 27.77
N SER D 65 -28.88 21.62 26.47
CA SER D 65 -29.80 20.89 25.62
C SER D 65 -28.98 20.21 24.52
N LEU D 66 -29.62 19.26 23.83
CA LEU D 66 -28.96 18.62 22.70
C LEU D 66 -28.69 19.62 21.58
N ILE D 67 -29.69 20.47 21.28
CA ILE D 67 -29.52 21.43 20.19
C ILE D 67 -28.39 22.39 20.51
N LYS D 68 -28.23 22.77 21.78
CA LYS D 68 -27.16 23.69 22.15
C LYS D 68 -25.79 23.04 21.96
N THR D 69 -25.67 21.76 22.33
CA THR D 69 -24.42 21.04 22.10
C THR D 69 -24.05 21.01 20.63
N GLU D 70 -25.02 20.70 19.76
CA GLU D 70 -24.74 20.60 18.34
C GLU D 70 -24.46 21.98 17.73
N LEU D 71 -25.20 23.00 18.18
CA LEU D 71 -24.94 24.37 17.73
C LEU D 71 -23.53 24.80 18.09
N ASP D 72 -23.07 24.44 19.29
CA ASP D 72 -21.71 24.80 19.68
C ASP D 72 -20.68 23.99 18.89
N LEU D 73 -20.96 22.73 18.62
CA LEU D 73 -20.09 21.95 17.73
C LEU D 73 -19.97 22.65 16.38
N THR D 74 -21.10 23.07 15.82
CA THR D 74 -21.12 23.70 14.50
C THR D 74 -20.34 25.02 14.50
N LYS D 75 -20.51 25.83 15.55
CA LYS D 75 -19.83 27.12 15.59
C LYS D 75 -18.34 26.98 15.90
N SER D 76 -17.96 26.00 16.71
CA SER D 76 -16.54 25.73 16.93
C SER D 76 -15.89 25.24 15.64
N ALA D 77 -16.58 24.38 14.89
CA ALA D 77 -16.05 23.92 13.63
C ALA D 77 -15.75 25.07 12.69
N LEU D 78 -16.67 26.03 12.59
CA LEU D 78 -16.44 27.18 11.72
C LEU D 78 -15.28 28.04 12.21
N ARG D 79 -15.13 28.17 13.53
CA ARG D 79 -13.97 28.87 14.08
C ARG D 79 -12.68 28.19 13.64
N GLU D 80 -12.56 26.90 13.92
CA GLU D 80 -11.48 26.12 13.34
C GLU D 80 -11.56 26.16 11.83
N LEU D 81 -10.42 25.98 11.16
CA LEU D 81 -10.41 25.94 9.71
C LEU D 81 -10.62 27.33 9.13
N ARG D 82 -10.88 28.32 9.97
CA ARG D 82 -11.16 29.66 9.50
C ARG D 82 -9.92 30.55 9.66
N ALA D 117 0.03 15.07 -9.14
CA ALA D 117 0.90 15.94 -8.36
C ALA D 117 0.08 16.94 -7.58
N VAL D 118 0.31 17.01 -6.27
CA VAL D 118 -0.43 17.94 -5.44
C VAL D 118 -0.02 19.39 -5.68
N THR D 119 1.09 19.62 -6.38
CA THR D 119 1.52 20.98 -6.67
C THR D 119 0.58 21.65 -7.67
N ALA D 120 0.13 20.90 -8.68
CA ALA D 120 -0.88 21.43 -9.59
C ALA D 120 -2.18 21.72 -8.85
N GLY D 121 -2.57 20.82 -7.94
CA GLY D 121 -3.73 21.08 -7.12
C GLY D 121 -3.60 22.36 -6.31
N VAL D 122 -2.41 22.59 -5.74
CA VAL D 122 -2.21 23.80 -4.94
C VAL D 122 -2.21 25.03 -5.82
N ALA D 123 -1.70 24.93 -7.06
CA ALA D 123 -1.77 26.04 -7.99
C ALA D 123 -3.23 26.40 -8.29
N ILE D 124 -4.04 25.39 -8.60
CA ILE D 124 -5.46 25.64 -8.86
C ILE D 124 -6.13 26.19 -7.61
N ALA D 125 -5.71 25.73 -6.43
CA ALA D 125 -6.31 26.21 -5.18
C ALA D 125 -6.00 27.68 -4.96
N LYS D 126 -4.76 28.10 -5.22
CA LYS D 126 -4.44 29.51 -5.15
C LYS D 126 -5.25 30.31 -6.15
N THR D 127 -5.35 29.82 -7.39
CA THR D 127 -6.15 30.51 -8.39
C THR D 127 -7.58 30.72 -7.91
N ILE D 128 -8.16 29.68 -7.30
CA ILE D 128 -9.55 29.78 -6.84
C ILE D 128 -9.66 30.69 -5.62
N ARG D 129 -8.63 30.71 -4.76
CA ARG D 129 -8.70 31.52 -3.55
C ARG D 129 -8.83 33.01 -3.85
N LEU D 130 -8.50 33.45 -5.06
CA LEU D 130 -8.74 34.82 -5.44
C LEU D 130 -10.22 35.16 -5.26
N GLU D 131 -10.49 36.30 -4.61
CA GLU D 131 -11.87 36.64 -4.26
C GLU D 131 -12.76 36.66 -5.50
N SER D 132 -12.22 37.14 -6.63
CA SER D 132 -13.00 37.18 -7.86
C SER D 132 -13.48 35.79 -8.25
N GLU D 133 -12.57 34.81 -8.23
CA GLU D 133 -12.94 33.45 -8.62
C GLU D 133 -13.93 32.84 -7.63
N VAL D 134 -13.76 33.12 -6.33
CA VAL D 134 -14.68 32.57 -5.33
C VAL D 134 -16.08 33.12 -5.56
N THR D 135 -16.19 34.43 -5.79
CA THR D 135 -17.50 35.03 -6.03
C THR D 135 -18.09 34.54 -7.36
N ALA D 136 -17.25 34.33 -8.38
CA ALA D 136 -17.75 33.78 -9.63
C ALA D 136 -18.32 32.39 -9.44
N ILE D 137 -17.62 31.54 -8.68
CA ILE D 137 -18.12 30.19 -8.43
C ILE D 137 -19.40 30.25 -7.60
N LYS D 138 -19.48 31.16 -6.64
CA LYS D 138 -20.70 31.28 -5.84
C LYS D 138 -21.87 31.74 -6.71
N ASN D 139 -21.61 32.63 -7.66
CA ASN D 139 -22.69 33.10 -8.54
C ASN D 139 -23.11 32.00 -9.51
N ALA D 140 -22.16 31.18 -9.96
CA ALA D 140 -22.49 30.06 -10.83
C ALA D 140 -23.39 29.05 -10.13
N LEU D 141 -23.34 29.00 -8.80
CA LEU D 141 -24.10 28.03 -8.01
C LEU D 141 -25.23 28.69 -7.23
N LYS D 142 -25.73 29.81 -7.71
CA LYS D 142 -26.76 30.54 -6.97
C LYS D 142 -28.14 29.93 -7.19
N LYS D 143 -28.48 29.59 -8.43
CA LYS D 143 -29.75 28.94 -8.75
C LYS D 143 -29.56 27.50 -9.18
N THR D 144 -28.39 26.92 -8.96
CA THR D 144 -28.13 25.52 -9.25
C THR D 144 -27.30 24.92 -8.12
N ASN D 145 -27.22 23.60 -8.10
CA ASN D 145 -26.33 22.88 -7.20
C ASN D 145 -25.17 22.20 -7.94
N GLU D 146 -25.10 22.37 -9.26
CA GLU D 146 -23.98 21.87 -10.05
C GLU D 146 -23.85 22.73 -11.30
N ALA D 147 -22.62 23.17 -11.57
CA ALA D 147 -22.36 24.06 -12.69
C ALA D 147 -20.95 23.84 -13.20
N VAL D 148 -20.68 24.34 -14.40
CA VAL D 148 -19.37 24.27 -15.02
C VAL D 148 -18.78 25.67 -14.99
N SER D 149 -17.75 25.86 -14.18
CA SER D 149 -17.11 27.17 -14.05
C SER D 149 -15.81 27.20 -14.83
N THR D 150 -15.49 28.37 -15.37
CA THR D 150 -14.25 28.59 -16.09
C THR D 150 -13.43 29.64 -15.33
N LEU D 151 -12.29 29.21 -14.80
CA LEU D 151 -11.44 30.12 -14.04
C LEU D 151 -10.78 31.12 -14.99
N GLY D 152 -9.99 32.03 -14.40
CA GLY D 152 -9.26 32.98 -15.21
C GLY D 152 -8.20 32.34 -16.07
N ASN D 153 -7.66 31.19 -15.63
CA ASN D 153 -6.64 30.48 -16.39
C ASN D 153 -7.22 29.71 -17.56
N GLY D 154 -8.53 29.75 -17.78
CA GLY D 154 -9.17 28.88 -18.74
C GLY D 154 -9.44 27.48 -18.24
N VAL D 155 -8.99 27.13 -17.04
CA VAL D 155 -9.25 25.82 -16.47
C VAL D 155 -10.74 25.68 -16.18
N ARG D 156 -11.34 24.61 -16.70
CA ARG D 156 -12.75 24.35 -16.50
C ARG D 156 -12.90 23.41 -15.30
N VAL D 157 -13.54 23.89 -14.24
CA VAL D 157 -13.79 23.10 -13.05
C VAL D 157 -15.28 22.85 -12.93
N LEU D 158 -15.62 21.87 -12.11
CA LEU D 158 -17.01 21.55 -11.80
C LEU D 158 -17.32 22.10 -10.41
N ALA D 159 -18.26 23.03 -10.33
CA ALA D 159 -18.67 23.61 -9.06
C ALA D 159 -19.90 22.88 -8.56
N THR D 160 -19.86 22.44 -7.30
CA THR D 160 -20.94 21.70 -6.67
C THR D 160 -21.30 22.40 -5.37
N ALA D 161 -22.57 22.28 -4.97
CA ALA D 161 -23.08 22.91 -3.77
C ALA D 161 -23.75 21.86 -2.90
N VAL D 162 -23.38 21.81 -1.64
CA VAL D 162 -24.01 20.94 -0.65
C VAL D 162 -24.68 21.86 0.37
N ARG D 163 -26.02 21.95 0.29
CA ARG D 163 -26.76 22.97 1.02
C ARG D 163 -27.75 22.39 2.02
N GLU D 164 -27.62 21.11 2.38
CA GLU D 164 -28.59 20.50 3.28
C GLU D 164 -28.51 21.11 4.68
N LEU D 165 -27.31 21.47 5.12
CA LEU D 165 -27.17 22.08 6.44
C LEU D 165 -27.73 23.50 6.45
N LYS D 166 -27.44 24.28 5.41
CA LYS D 166 -28.06 25.60 5.29
C LYS D 166 -29.58 25.48 5.25
N ASP D 167 -30.10 24.51 4.50
CA ASP D 167 -31.54 24.33 4.39
C ASP D 167 -32.15 24.00 5.75
N PHE D 168 -31.55 23.05 6.48
CA PHE D 168 -32.08 22.70 7.79
C PHE D 168 -31.99 23.86 8.77
N VAL D 169 -30.92 24.67 8.67
CA VAL D 169 -30.72 25.75 9.63
C VAL D 169 -31.66 26.92 9.35
N SER D 170 -32.01 27.14 8.09
CA SER D 170 -32.83 28.30 7.74
C SER D 170 -34.32 27.98 7.64
N LYS D 171 -34.69 26.74 7.34
CA LYS D 171 -36.08 26.38 7.10
C LYS D 171 -36.70 25.55 8.22
N ASN D 172 -35.90 24.97 9.10
CA ASN D 172 -36.43 24.08 10.14
C ASN D 172 -35.96 24.45 11.54
N LEU D 173 -34.69 24.81 11.70
CA LEU D 173 -34.13 25.08 13.02
C LEU D 173 -34.34 26.52 13.45
N THR D 174 -33.93 27.48 12.61
CA THR D 174 -33.98 28.90 12.95
C THR D 174 -35.28 29.29 13.62
N ARG D 175 -36.40 28.75 13.14
CA ARG D 175 -37.69 29.07 13.74
C ARG D 175 -37.98 28.23 14.97
N ALA D 176 -37.49 26.99 15.01
CA ALA D 176 -37.73 26.14 16.17
C ALA D 176 -37.02 26.69 17.40
N ILE D 177 -35.77 27.12 17.25
CA ILE D 177 -34.99 27.65 18.37
C ILE D 177 -35.30 29.13 18.57
N ASN D 178 -36.33 29.62 17.87
CA ASN D 178 -36.78 30.98 18.09
C ASN D 178 -37.07 31.20 19.57
N LYS D 179 -36.85 32.43 20.04
CA LYS D 179 -36.97 32.81 21.44
C LYS D 179 -35.71 32.44 22.21
N ASN D 180 -34.61 32.16 21.53
CA ASN D 180 -33.34 31.81 22.16
C ASN D 180 -33.52 30.81 23.29
N LYS D 181 -34.46 29.88 23.10
CA LYS D 181 -34.80 28.89 24.12
C LYS D 181 -34.14 27.53 23.84
N CYS D 182 -34.37 26.97 22.66
CA CYS D 182 -33.86 25.63 22.37
C CYS D 182 -34.50 24.68 23.37
N ASP D 183 -33.78 23.63 23.76
CA ASP D 183 -34.30 22.66 24.70
C ASP D 183 -35.73 22.26 24.33
N ILE D 184 -35.94 22.03 23.04
CA ILE D 184 -37.28 21.75 22.50
C ILE D 184 -37.79 20.41 23.05
N PRO D 185 -39.10 20.25 23.26
CA PRO D 185 -39.62 18.93 23.63
C PRO D 185 -39.73 17.98 22.45
N ASP D 186 -39.55 18.46 21.22
CA ASP D 186 -39.61 17.62 20.02
C ASP D 186 -38.20 17.14 19.71
N LEU D 187 -37.91 15.88 20.07
CA LEU D 187 -36.58 15.31 19.89
C LEU D 187 -36.20 15.18 18.42
N LYS D 188 -37.19 15.15 17.53
CA LYS D 188 -36.90 14.97 16.10
C LYS D 188 -36.00 16.08 15.57
N MET D 189 -36.21 17.32 16.04
CA MET D 189 -35.38 18.42 15.57
C MET D 189 -33.92 18.22 15.99
N ALA D 190 -33.71 17.70 17.19
CA ALA D 190 -32.35 17.40 17.64
C ALA D 190 -31.72 16.31 16.78
N VAL D 191 -32.46 15.23 16.55
CA VAL D 191 -31.94 14.16 15.69
C VAL D 191 -31.61 14.72 14.30
N SER D 192 -32.43 15.64 13.80
CA SER D 192 -32.21 16.20 12.47
C SER D 192 -30.94 17.05 12.44
N PHE D 193 -30.76 17.91 13.44
CA PHE D 193 -29.53 18.69 13.51
C PHE D 193 -28.33 17.78 13.55
N SER D 194 -28.41 16.69 14.34
CA SER D 194 -27.31 15.74 14.38
C SER D 194 -27.06 15.13 13.00
N GLN D 195 -28.13 14.85 12.26
CA GLN D 195 -27.97 14.21 10.96
C GLN D 195 -27.30 15.14 9.96
N PHE D 196 -27.74 16.39 9.89
CA PHE D 196 -27.33 17.28 8.80
C PHE D 196 -26.02 18.01 9.05
N ASN D 197 -25.52 18.02 10.29
CA ASN D 197 -24.22 18.63 10.57
C ASN D 197 -23.09 17.61 10.56
N ARG D 198 -23.40 16.32 10.40
CA ARG D 198 -22.36 15.29 10.44
C ARG D 198 -21.32 15.53 9.35
N ARG D 199 -21.78 15.76 8.12
CA ARG D 199 -20.83 15.92 7.01
C ARG D 199 -19.99 17.18 7.20
N PHE D 200 -20.61 18.29 7.58
CA PHE D 200 -19.85 19.53 7.76
C PHE D 200 -18.77 19.35 8.81
N LEU D 201 -19.12 18.75 9.96
CA LEU D 201 -18.15 18.57 11.03
C LEU D 201 -17.04 17.61 10.62
N ASN D 202 -17.40 16.52 9.93
CA ASN D 202 -16.38 15.58 9.47
C ASN D 202 -15.43 16.24 8.48
N VAL D 203 -15.96 17.08 7.58
CA VAL D 203 -15.11 17.77 6.62
C VAL D 203 -14.17 18.72 7.34
N VAL D 204 -14.70 19.55 8.23
CA VAL D 204 -13.86 20.47 9.00
C VAL D 204 -12.81 19.70 9.79
N ARG D 205 -13.13 18.47 10.19
CA ARG D 205 -12.20 17.66 10.97
C ARG D 205 -11.08 17.13 10.11
N GLN D 206 -11.41 16.55 8.96
CA GLN D 206 -10.40 15.93 8.11
C GLN D 206 -9.43 16.96 7.54
N PHE D 207 -9.95 18.10 7.09
CA PHE D 207 -9.08 19.16 6.60
C PHE D 207 -8.27 19.82 7.72
N SER D 208 -8.58 19.53 8.98
CA SER D 208 -7.81 20.05 10.09
C SER D 208 -6.76 19.07 10.60
N ASP D 209 -7.03 17.77 10.50
CA ASP D 209 -6.06 16.75 10.89
C ASP D 209 -5.03 16.47 9.80
N ASN D 210 -5.13 17.13 8.64
CA ASN D 210 -4.18 16.93 7.56
C ASN D 210 -3.63 18.25 7.02
N ALA D 211 -3.84 19.35 7.73
CA ALA D 211 -3.25 20.63 7.39
C ALA D 211 -3.78 21.19 6.07
N GLY D 212 -5.05 20.91 5.76
CA GLY D 212 -5.70 21.50 4.62
C GLY D 212 -5.53 20.75 3.31
N ILE D 213 -4.82 19.62 3.32
CA ILE D 213 -4.62 18.80 2.13
C ILE D 213 -4.76 17.34 2.56
N THR D 214 -5.88 16.72 2.19
CA THR D 214 -6.12 15.33 2.60
C THR D 214 -5.47 14.37 1.61
N PRO D 215 -4.90 13.26 2.08
CA PRO D 215 -4.28 12.31 1.15
C PRO D 215 -5.29 11.48 0.38
N ALA D 216 -6.52 11.33 0.89
CA ALA D 216 -7.55 10.53 0.25
C ALA D 216 -8.88 11.27 0.33
N ILE D 217 -9.82 10.83 -0.49
CA ILE D 217 -11.14 11.46 -0.59
C ILE D 217 -12.14 10.58 0.14
N SER D 218 -12.71 11.11 1.21
CA SER D 218 -13.74 10.39 1.96
C SER D 218 -15.10 10.62 1.32
N LEU D 219 -16.09 9.86 1.80
CA LEU D 219 -17.47 10.09 1.37
C LEU D 219 -18.04 11.37 1.94
N ASP D 220 -17.31 12.06 2.83
CA ASP D 220 -17.74 13.34 3.35
C ASP D 220 -17.21 14.50 2.49
N LEU D 221 -16.03 14.34 1.91
CA LEU D 221 -15.55 15.33 0.94
C LEU D 221 -16.23 15.17 -0.41
N MET D 222 -16.59 13.95 -0.78
CA MET D 222 -17.28 13.70 -2.04
C MET D 222 -17.98 12.35 -1.93
N THR D 223 -19.30 12.36 -2.04
CA THR D 223 -20.07 11.12 -1.99
C THR D 223 -19.92 10.37 -3.31
N ASP D 224 -20.52 9.17 -3.38
CA ASP D 224 -20.41 8.37 -4.59
C ASP D 224 -21.17 9.02 -5.75
N ALA D 225 -22.33 9.62 -5.45
CA ALA D 225 -23.08 10.30 -6.50
C ALA D 225 -22.30 11.51 -7.01
N GLU D 226 -21.72 12.30 -6.10
CA GLU D 226 -20.91 13.44 -6.52
C GLU D 226 -19.69 12.98 -7.33
N LEU D 227 -19.11 11.84 -6.95
CA LEU D 227 -18.00 11.29 -7.72
C LEU D 227 -18.44 10.91 -9.13
N ALA D 228 -19.63 10.31 -9.24
CA ALA D 228 -20.13 9.94 -10.57
C ALA D 228 -20.40 11.18 -11.41
N ARG D 229 -20.97 12.23 -10.80
CA ARG D 229 -21.19 13.47 -11.52
C ARG D 229 -19.86 14.05 -12.01
N ALA D 230 -18.87 14.11 -11.12
CA ALA D 230 -17.56 14.61 -11.50
C ALA D 230 -17.00 13.83 -12.67
N VAL D 231 -17.00 12.50 -12.57
CA VAL D 231 -16.45 11.68 -13.66
C VAL D 231 -17.19 11.95 -14.96
N SER D 232 -18.52 12.05 -14.90
CA SER D 232 -19.29 12.28 -16.11
C SER D 232 -18.96 13.63 -16.73
N ASN D 233 -18.61 14.62 -15.91
CA ASN D 233 -18.28 15.95 -16.41
C ASN D 233 -16.81 16.12 -16.77
N MET D 234 -16.06 15.02 -16.92
CA MET D 234 -14.63 15.16 -17.20
C MET D 234 -14.40 15.34 -18.70
N PRO D 235 -13.29 16.01 -19.07
CA PRO D 235 -13.01 16.29 -20.49
C PRO D 235 -12.38 15.09 -21.21
N THR D 236 -13.23 14.16 -21.61
CA THR D 236 -12.78 12.98 -22.35
C THR D 236 -14.00 12.35 -23.01
N SER D 237 -13.76 11.31 -23.81
CA SER D 237 -14.80 10.70 -24.60
C SER D 237 -15.65 9.77 -23.76
N ALA D 238 -16.67 9.17 -24.39
CA ALA D 238 -17.64 8.38 -23.65
C ALA D 238 -17.08 7.05 -23.17
N GLY D 239 -16.16 6.45 -23.93
CA GLY D 239 -15.59 5.18 -23.49
C GLY D 239 -14.82 5.31 -22.19
N GLN D 240 -13.97 6.35 -22.10
CA GLN D 240 -13.23 6.56 -20.87
C GLN D 240 -14.18 6.85 -19.70
N ILE D 241 -15.21 7.65 -19.94
CA ILE D 241 -16.16 7.97 -18.87
C ILE D 241 -16.86 6.70 -18.39
N LYS D 242 -17.24 5.83 -19.32
CA LYS D 242 -17.91 4.59 -18.93
C LYS D 242 -16.97 3.72 -18.10
N LEU D 243 -15.73 3.56 -18.57
CA LEU D 243 -14.75 2.77 -17.82
C LEU D 243 -14.55 3.32 -16.41
N MET D 244 -14.43 4.65 -16.30
CA MET D 244 -14.19 5.24 -14.99
C MET D 244 -15.41 5.14 -14.09
N LEU D 245 -16.62 5.22 -14.64
CA LEU D 245 -17.79 4.99 -13.80
C LEU D 245 -17.86 3.54 -13.36
N GLU D 246 -17.34 2.62 -14.17
CA GLU D 246 -17.31 1.21 -13.77
C GLU D 246 -16.27 0.95 -12.68
N ASN D 247 -15.18 1.73 -12.67
CA ASN D 247 -14.10 1.52 -11.70
C ASN D 247 -13.81 2.76 -10.86
N ARG D 248 -14.85 3.51 -10.49
CA ARG D 248 -14.65 4.76 -9.76
C ARG D 248 -13.96 4.59 -8.41
N ALA D 249 -13.85 3.37 -7.89
CA ALA D 249 -13.02 3.17 -6.71
C ALA D 249 -11.55 3.49 -7.02
N MET D 250 -11.06 3.03 -8.18
CA MET D 250 -9.72 3.39 -8.63
C MET D 250 -9.57 4.90 -8.75
N VAL D 251 -10.61 5.58 -9.22
CA VAL D 251 -10.54 7.04 -9.37
C VAL D 251 -10.41 7.69 -8.00
N ARG D 252 -11.29 7.34 -7.08
CA ARG D 252 -11.25 7.95 -5.75
C ARG D 252 -9.91 7.70 -5.08
N ARG D 253 -9.40 6.47 -5.16
CA ARG D 253 -8.17 6.14 -4.43
C ARG D 253 -7.02 7.05 -4.82
N LYS D 254 -6.86 7.30 -6.12
CA LYS D 254 -5.76 8.11 -6.63
C LYS D 254 -6.06 9.60 -6.65
N GLY D 255 -7.05 10.04 -5.88
CA GLY D 255 -7.40 11.45 -5.79
C GLY D 255 -7.14 12.00 -4.39
N PHE D 256 -7.17 13.32 -4.29
CA PHE D 256 -6.91 14.03 -3.05
C PHE D 256 -7.77 15.29 -3.00
N GLY D 257 -7.70 15.99 -1.88
CA GLY D 257 -8.50 17.19 -1.69
C GLY D 257 -7.72 18.28 -1.00
N ILE D 258 -8.06 19.52 -1.33
CA ILE D 258 -7.39 20.71 -0.79
C ILE D 258 -8.46 21.69 -0.32
N LEU D 259 -8.29 22.22 0.89
CA LEU D 259 -9.21 23.23 1.39
C LEU D 259 -8.89 24.59 0.79
N ILE D 260 -9.93 25.30 0.38
CA ILE D 260 -9.78 26.65 -0.15
C ILE D 260 -9.97 27.68 0.96
N GLY D 261 -11.03 27.56 1.73
CA GLY D 261 -11.21 28.44 2.86
C GLY D 261 -12.67 28.58 3.26
N VAL D 262 -12.88 29.34 4.32
CA VAL D 262 -14.20 29.58 4.88
C VAL D 262 -14.60 31.01 4.50
N TYR D 263 -15.48 31.13 3.51
CA TYR D 263 -15.98 32.42 3.04
C TYR D 263 -17.42 32.56 3.53
N GLY D 264 -17.64 33.47 4.48
CA GLY D 264 -18.97 33.62 5.03
C GLY D 264 -19.44 32.34 5.71
N SER D 265 -20.63 31.89 5.34
CA SER D 265 -21.18 30.65 5.84
C SER D 265 -20.88 29.47 4.93
N SER D 266 -19.88 29.58 4.06
CA SER D 266 -19.56 28.56 3.07
C SER D 266 -18.15 28.05 3.29
N VAL D 267 -18.01 26.76 3.54
CA VAL D 267 -16.71 26.10 3.52
C VAL D 267 -16.46 25.64 2.09
N ILE D 268 -15.49 26.27 1.42
CA ILE D 268 -15.17 25.97 0.03
C ILE D 268 -13.90 25.14 0.02
N TYR D 269 -13.98 23.96 -0.60
CA TYR D 269 -12.81 23.10 -0.78
C TYR D 269 -12.82 22.58 -2.21
N MET D 270 -11.82 21.76 -2.55
CA MET D 270 -11.72 21.21 -3.89
C MET D 270 -11.22 19.78 -3.83
N VAL D 271 -11.55 19.02 -4.88
CA VAL D 271 -11.15 17.63 -5.01
C VAL D 271 -10.52 17.45 -6.39
N GLN D 272 -9.33 16.84 -6.41
CA GLN D 272 -8.62 16.55 -7.64
C GLN D 272 -8.82 15.08 -7.98
N LEU D 273 -9.38 14.81 -9.14
CA LEU D 273 -9.64 13.44 -9.58
C LEU D 273 -8.82 13.10 -10.81
N PRO D 274 -8.34 11.87 -10.94
CA PRO D 274 -7.57 11.51 -12.13
C PRO D 274 -8.49 11.32 -13.32
N ILE D 275 -8.02 11.78 -14.48
CA ILE D 275 -8.73 11.59 -15.74
C ILE D 275 -7.99 10.47 -16.47
N PHE D 276 -8.52 9.25 -16.38
CA PHE D 276 -7.96 8.14 -17.13
C PHE D 276 -8.30 8.32 -18.60
N GLY D 277 -7.43 9.03 -19.31
CA GLY D 277 -7.72 9.47 -20.67
C GLY D 277 -7.37 8.47 -21.74
N VAL D 278 -6.39 7.59 -21.52
CA VAL D 278 -5.97 6.64 -22.53
C VAL D 278 -6.39 5.25 -22.08
N ILE D 279 -7.29 4.62 -22.84
CA ILE D 279 -7.80 3.31 -22.48
C ILE D 279 -7.68 2.37 -23.67
N ASP D 280 -7.75 1.08 -23.37
CA ASP D 280 -7.84 0.02 -24.39
C ASP D 280 -6.70 0.10 -25.39
N THR D 281 -5.49 0.39 -24.90
CA THR D 281 -4.28 0.29 -25.70
C THR D 281 -3.41 -0.84 -25.20
N PRO D 282 -2.50 -1.35 -26.04
CA PRO D 282 -1.76 -2.57 -25.66
C PRO D 282 -0.85 -2.36 -24.47
N CYS D 283 -1.01 -3.23 -23.47
CA CYS D 283 -0.02 -3.43 -22.43
C CYS D 283 0.45 -4.88 -22.50
N TRP D 284 1.72 -5.10 -22.18
CA TRP D 284 2.29 -6.43 -22.12
C TRP D 284 3.22 -6.51 -20.92
N ILE D 285 3.61 -7.73 -20.56
CA ILE D 285 4.53 -7.94 -19.45
C ILE D 285 5.64 -8.87 -19.89
N VAL D 286 6.87 -8.55 -19.49
CA VAL D 286 8.05 -9.30 -19.87
C VAL D 286 8.62 -9.97 -18.63
N LYS D 287 8.86 -11.28 -18.72
CA LYS D 287 9.51 -12.07 -17.68
C LYS D 287 10.74 -12.74 -18.28
N ALA D 288 11.76 -12.98 -17.45
CA ALA D 288 12.99 -13.57 -17.96
C ALA D 288 13.67 -14.41 -16.89
N ALA D 289 14.49 -15.35 -17.35
CA ALA D 289 15.30 -16.20 -16.50
C ALA D 289 16.65 -16.37 -17.17
N PRO D 290 17.67 -16.79 -16.42
CA PRO D 290 19.01 -16.91 -17.00
C PRO D 290 19.05 -17.86 -18.18
N SER D 291 19.57 -17.37 -19.30
CA SER D 291 19.80 -18.17 -20.51
C SER D 291 21.29 -18.45 -20.60
N CYS D 292 21.68 -19.69 -20.29
CA CYS D 292 23.08 -20.08 -20.28
C CYS D 292 23.37 -21.11 -21.37
N SER D 293 24.56 -21.01 -21.95
CA SER D 293 25.01 -21.92 -22.99
C SER D 293 26.39 -22.44 -22.60
N GLU D 294 26.59 -23.74 -22.74
CA GLU D 294 27.85 -24.38 -22.39
C GLU D 294 28.61 -24.74 -23.67
N LYS D 295 29.91 -24.45 -23.68
CA LYS D 295 30.76 -24.71 -24.84
C LYS D 295 32.16 -25.05 -24.30
N LYS D 296 32.48 -26.34 -24.24
CA LYS D 296 33.75 -26.82 -23.71
C LYS D 296 33.84 -26.62 -22.20
N GLY D 297 32.71 -26.82 -21.51
CA GLY D 297 32.65 -26.61 -20.08
C GLY D 297 32.58 -25.16 -19.64
N ASN D 298 32.68 -24.22 -20.58
CA ASN D 298 32.60 -22.80 -20.27
C ASN D 298 31.17 -22.32 -20.46
N TYR D 299 30.59 -21.74 -19.42
CA TYR D 299 29.23 -21.24 -19.47
C TYR D 299 29.20 -19.76 -19.83
N ALA D 300 28.23 -19.40 -20.67
CA ALA D 300 27.96 -18.00 -21.00
C ALA D 300 26.48 -17.75 -20.71
N CYS D 301 26.20 -16.89 -19.74
CA CYS D 301 24.84 -16.65 -19.26
C CYS D 301 24.43 -15.22 -19.55
N LEU D 302 23.20 -15.06 -20.05
CA LEU D 302 22.61 -13.77 -20.34
C LEU D 302 21.26 -13.71 -19.63
N LEU D 303 20.99 -12.58 -18.97
CA LEU D 303 19.74 -12.37 -18.25
C LEU D 303 19.16 -11.02 -18.64
N ARG D 304 17.89 -11.00 -19.04
CA ARG D 304 17.26 -9.75 -19.43
C ARG D 304 16.98 -8.89 -18.20
N GLU D 305 17.39 -7.63 -18.26
CA GLU D 305 17.16 -6.67 -17.18
C GLU D 305 16.10 -5.64 -17.55
N ASP D 306 15.20 -5.98 -18.46
CA ASP D 306 14.11 -5.11 -18.89
C ASP D 306 12.75 -5.70 -18.53
N GLN D 307 12.70 -6.59 -17.55
CA GLN D 307 11.46 -7.24 -17.18
C GLN D 307 10.51 -6.26 -16.51
N GLY D 308 9.22 -6.57 -16.56
CA GLY D 308 8.20 -5.74 -15.96
C GLY D 308 7.13 -5.41 -16.95
N TRP D 309 6.31 -4.42 -16.60
CA TRP D 309 5.15 -4.05 -17.41
C TRP D 309 5.52 -2.99 -18.45
N TYR D 310 4.85 -3.04 -19.59
CA TYR D 310 5.00 -2.06 -20.64
C TYR D 310 3.61 -1.69 -21.12
N CYS D 311 3.38 -0.40 -21.39
CA CYS D 311 2.10 0.05 -21.90
C CYS D 311 2.32 1.07 -22.99
N GLN D 312 1.37 1.11 -23.94
CA GLN D 312 1.41 2.07 -25.04
C GLN D 312 0.58 3.28 -24.63
N ASN D 313 1.22 4.24 -23.98
CA ASN D 313 0.57 5.49 -23.58
C ASN D 313 0.59 6.41 -24.79
N ALA D 314 -0.46 6.32 -25.61
CA ALA D 314 -0.57 7.08 -26.86
C ALA D 314 0.71 6.83 -27.66
N GLY D 315 1.39 7.86 -28.15
CA GLY D 315 2.57 7.65 -28.96
C GLY D 315 3.81 7.23 -28.19
N SER D 316 3.79 7.28 -26.87
CA SER D 316 4.94 6.91 -26.06
C SER D 316 4.75 5.52 -25.48
N THR D 317 5.88 4.84 -25.26
CA THR D 317 5.88 3.54 -24.59
C THR D 317 6.42 3.76 -23.18
N VAL D 318 5.69 3.26 -22.19
CA VAL D 318 6.04 3.45 -20.79
C VAL D 318 6.35 2.10 -20.17
N TYR D 319 7.40 2.06 -19.36
CA TYR D 319 7.88 0.85 -18.70
C TYR D 319 7.73 1.03 -17.20
N TYR D 320 7.15 0.02 -16.55
CA TYR D 320 6.99 -0.02 -15.11
C TYR D 320 7.82 -1.17 -14.57
N PRO D 321 8.95 -0.89 -13.90
CA PRO D 321 9.87 -1.98 -13.52
C PRO D 321 9.27 -2.97 -12.53
N ASN D 322 8.80 -2.48 -11.39
CA ASN D 322 8.23 -3.36 -10.38
C ASN D 322 6.77 -3.66 -10.71
N GLU D 323 6.42 -4.94 -10.63
CA GLU D 323 5.06 -5.36 -10.99
C GLU D 323 4.01 -4.81 -10.04
N LYS D 324 4.38 -4.46 -8.81
CA LYS D 324 3.43 -3.84 -7.89
C LYS D 324 2.91 -2.52 -8.42
N ASP D 325 3.61 -1.92 -9.39
CA ASP D 325 3.19 -0.63 -9.95
C ASP D 325 1.95 -0.75 -10.81
N CYS D 326 1.64 -1.94 -11.30
CA CYS D 326 0.48 -2.17 -12.15
C CYS D 326 -0.39 -3.27 -11.56
N GLU D 327 -1.70 -3.08 -11.64
CA GLU D 327 -2.69 -3.99 -11.07
C GLU D 327 -3.71 -4.36 -12.15
N THR D 328 -3.95 -5.65 -12.32
CA THR D 328 -4.94 -6.11 -13.30
C THR D 328 -6.31 -6.19 -12.64
N ARG D 329 -7.33 -5.73 -13.36
CA ARG D 329 -8.71 -5.79 -12.90
C ARG D 329 -9.56 -6.14 -14.13
N GLY D 330 -9.69 -7.44 -14.38
CA GLY D 330 -10.41 -7.90 -15.56
C GLY D 330 -9.47 -8.03 -16.73
N ASP D 331 -9.87 -7.49 -17.88
CA ASP D 331 -9.01 -7.43 -19.03
C ASP D 331 -8.10 -6.20 -19.03
N HIS D 332 -8.30 -5.29 -18.08
CA HIS D 332 -7.58 -4.03 -18.05
C HIS D 332 -6.47 -4.06 -17.00
N VAL D 333 -5.44 -3.25 -17.23
CA VAL D 333 -4.31 -3.11 -16.33
C VAL D 333 -4.18 -1.63 -15.97
N PHE D 334 -4.37 -1.32 -14.69
CA PHE D 334 -4.23 0.03 -14.18
C PHE D 334 -2.81 0.21 -13.66
N CYS D 335 -2.08 1.14 -14.26
CA CYS D 335 -0.67 1.35 -13.92
C CYS D 335 -0.47 2.73 -13.30
N ASP D 336 0.44 2.78 -12.32
CA ASP D 336 0.79 4.04 -11.67
C ASP D 336 1.60 4.91 -12.62
N THR D 337 1.08 6.08 -12.97
CA THR D 337 1.80 6.97 -13.89
C THR D 337 3.10 7.47 -13.28
N ALA D 338 3.14 7.66 -11.96
CA ALA D 338 4.34 8.17 -11.32
C ALA D 338 5.50 7.19 -11.40
N ALA D 339 5.19 5.89 -11.47
CA ALA D 339 6.22 4.86 -11.53
C ALA D 339 6.64 4.53 -12.96
N GLY D 340 6.12 5.27 -13.95
CA GLY D 340 6.43 4.96 -15.33
C GLY D 340 7.74 5.58 -15.80
N ILE D 341 8.33 4.96 -16.81
CA ILE D 341 9.58 5.42 -17.40
C ILE D 341 9.41 5.34 -18.91
N ASN D 342 9.49 6.49 -19.60
CA ASN D 342 9.39 6.48 -21.04
C ASN D 342 10.57 5.75 -21.65
N VAL D 343 10.30 4.89 -22.63
CA VAL D 343 11.31 4.11 -23.32
C VAL D 343 11.12 4.27 -24.81
N ALA D 344 12.18 3.98 -25.57
CA ALA D 344 12.15 4.14 -27.01
C ALA D 344 11.35 3.03 -27.67
N GLU D 345 10.75 3.35 -28.82
CA GLU D 345 10.05 2.34 -29.59
C GLU D 345 10.94 1.12 -29.83
N GLN D 346 12.19 1.36 -30.25
CA GLN D 346 13.05 0.26 -30.65
C GLN D 346 13.32 -0.71 -29.51
N SER D 347 13.06 -0.30 -28.27
CA SER D 347 13.17 -1.23 -27.15
C SER D 347 12.35 -2.50 -27.41
N LYS D 348 11.18 -2.35 -28.03
CA LYS D 348 10.34 -3.50 -28.30
C LYS D 348 11.08 -4.58 -29.08
N GLU D 349 12.05 -4.18 -29.91
CA GLU D 349 12.78 -5.15 -30.73
C GLU D 349 13.57 -6.15 -29.89
N CYS D 350 13.78 -5.87 -28.60
CA CYS D 350 14.43 -6.87 -27.75
C CYS D 350 13.58 -8.12 -27.62
N ASN D 351 12.26 -7.99 -27.75
CA ASN D 351 11.37 -9.15 -27.77
C ASN D 351 11.36 -9.85 -29.11
N ILE D 352 12.11 -9.34 -30.09
CA ILE D 352 12.24 -9.96 -31.40
C ILE D 352 13.65 -10.51 -31.61
N ASN D 353 14.67 -9.76 -31.18
CA ASN D 353 16.06 -10.13 -31.45
C ASN D 353 16.90 -9.43 -30.36
N ILE D 354 17.13 -10.15 -29.25
CA ILE D 354 17.82 -9.56 -28.12
C ILE D 354 19.20 -9.04 -28.49
N SER D 355 19.78 -9.54 -29.58
CA SER D 355 21.11 -9.14 -30.01
C SER D 355 21.08 -8.06 -31.07
N THR D 356 19.99 -7.30 -31.16
CA THR D 356 19.87 -6.29 -32.21
C THR D 356 20.83 -5.13 -31.95
N THR D 357 21.19 -4.45 -33.03
CA THR D 357 22.00 -3.24 -32.96
C THR D 357 21.16 -1.96 -32.98
N ASN D 358 19.87 -2.06 -33.30
CA ASN D 358 19.01 -0.89 -33.33
C ASN D 358 18.63 -0.38 -31.95
N TYR D 359 19.04 -1.08 -30.89
CA TYR D 359 18.77 -0.62 -29.53
C TYR D 359 19.66 -1.38 -28.57
N PRO D 360 20.24 -0.71 -27.57
CA PRO D 360 21.04 -1.44 -26.59
C PRO D 360 20.18 -2.15 -25.55
N CYS D 361 19.77 -3.38 -25.84
CA CYS D 361 18.92 -4.11 -24.92
C CYS D 361 19.63 -4.30 -23.60
N LYS D 362 18.93 -4.01 -22.51
CA LYS D 362 19.50 -4.08 -21.17
C LYS D 362 19.60 -5.54 -20.75
N VAL D 363 20.83 -6.05 -20.66
CA VAL D 363 21.08 -7.42 -20.25
C VAL D 363 22.31 -7.48 -19.36
N SER D 364 22.30 -8.43 -18.43
CA SER D 364 23.45 -8.73 -17.60
C SER D 364 24.06 -10.05 -18.06
N THR D 365 25.39 -10.14 -17.97
CA THR D 365 26.13 -11.29 -18.47
C THR D 365 26.92 -11.95 -17.35
N GLY D 366 27.22 -13.23 -17.52
CA GLY D 366 27.92 -13.97 -16.50
C GLY D 366 28.52 -15.25 -17.02
N ARG D 367 29.30 -15.91 -16.15
CA ARG D 367 29.93 -17.17 -16.46
C ARG D 367 29.48 -18.30 -15.52
N HIS D 368 28.66 -18.01 -14.53
CA HIS D 368 28.24 -19.00 -13.53
C HIS D 368 26.73 -19.21 -13.63
N PRO D 369 26.27 -20.31 -14.22
CA PRO D 369 24.82 -20.52 -14.33
C PRO D 369 24.16 -20.69 -12.98
N ILE D 370 23.04 -20.02 -12.80
CA ILE D 370 22.23 -20.10 -11.58
C ILE D 370 20.84 -20.57 -11.97
N SER D 371 20.40 -21.66 -11.34
CA SER D 371 19.06 -22.17 -11.60
C SER D 371 18.02 -21.25 -10.97
N MET D 372 16.93 -21.04 -11.68
CA MET D 372 15.94 -20.06 -11.26
C MET D 372 14.55 -20.46 -11.75
N VAL D 373 13.54 -19.84 -11.16
CA VAL D 373 12.16 -19.93 -11.62
C VAL D 373 11.60 -18.51 -11.71
N ALA D 374 10.94 -18.20 -12.82
CA ALA D 374 10.31 -16.90 -13.03
C ALA D 374 8.85 -17.16 -13.38
N LEU D 375 7.94 -16.84 -12.47
CA LEU D 375 6.52 -17.06 -12.71
C LEU D 375 6.00 -16.02 -13.70
N SER D 376 5.23 -16.49 -14.67
CA SER D 376 4.57 -15.66 -15.67
C SER D 376 3.07 -15.75 -15.50
N PRO D 377 2.33 -14.75 -15.96
CA PRO D 377 0.87 -14.76 -15.75
C PRO D 377 0.19 -16.06 -16.11
N LEU D 378 0.73 -16.80 -17.08
CA LEU D 378 0.13 -18.05 -17.54
C LEU D 378 1.06 -19.24 -17.42
N GLY D 379 2.16 -19.12 -16.66
CA GLY D 379 3.07 -20.23 -16.52
C GLY D 379 4.34 -19.93 -15.78
N ALA D 380 5.47 -20.47 -16.26
CA ALA D 380 6.73 -20.29 -15.56
C ALA D 380 7.89 -20.59 -16.48
N LEU D 381 8.93 -19.76 -16.39
CA LEU D 381 10.23 -20.06 -16.96
C LEU D 381 11.08 -20.77 -15.92
N VAL D 382 11.74 -21.85 -16.31
CA VAL D 382 12.59 -22.63 -15.41
C VAL D 382 13.97 -22.73 -16.04
N ALA D 383 14.97 -22.21 -15.34
CA ALA D 383 16.37 -22.37 -15.73
C ALA D 383 16.97 -23.43 -14.82
N CYS D 384 17.37 -24.56 -15.39
CA CYS D 384 17.91 -25.69 -14.65
C CYS D 384 19.30 -26.01 -15.18
N TYR D 385 20.25 -26.20 -14.27
CA TYR D 385 21.64 -26.38 -14.66
C TYR D 385 22.31 -27.39 -13.73
N LYS D 386 23.64 -27.45 -13.80
CA LYS D 386 24.41 -28.44 -13.08
C LYS D 386 24.05 -28.48 -11.61
N GLY D 387 23.99 -29.70 -11.07
CA GLY D 387 23.87 -29.90 -9.64
C GLY D 387 22.53 -29.52 -9.04
N VAL D 388 21.53 -29.26 -9.86
CA VAL D 388 20.21 -28.87 -9.37
C VAL D 388 19.16 -29.75 -10.06
N SER D 389 18.18 -30.20 -9.28
CA SER D 389 17.13 -31.07 -9.75
C SER D 389 15.83 -30.29 -9.82
N CYS D 390 15.37 -30.01 -11.04
CA CYS D 390 14.14 -29.27 -11.28
C CYS D 390 13.07 -30.23 -11.80
N SER D 391 11.86 -30.12 -11.25
CA SER D 391 10.76 -30.98 -11.62
C SER D 391 9.46 -30.19 -11.68
N ILE D 392 8.51 -30.69 -12.45
CA ILE D 392 7.16 -30.16 -12.51
C ILE D 392 6.22 -31.21 -11.95
N GLY D 393 5.17 -30.75 -11.27
CA GLY D 393 4.24 -31.65 -10.62
C GLY D 393 2.85 -31.06 -10.56
N SER D 394 1.89 -31.91 -10.18
CA SER D 394 0.49 -31.54 -10.04
C SER D 394 0.10 -31.53 -8.56
N ASN D 395 -1.02 -30.87 -8.28
CA ASN D 395 -1.53 -30.82 -6.92
C ASN D 395 -2.22 -32.12 -6.51
N ARG D 396 -2.63 -32.95 -7.48
CA ARG D 396 -3.30 -34.20 -7.18
C ARG D 396 -2.33 -35.38 -7.13
N VAL D 397 -1.43 -35.47 -8.12
CA VAL D 397 -0.55 -36.62 -8.25
C VAL D 397 0.90 -36.33 -7.86
N GLY D 398 1.23 -35.08 -7.55
CA GLY D 398 2.58 -34.76 -7.13
C GLY D 398 3.53 -34.60 -8.30
N ILE D 399 4.80 -34.99 -8.08
CA ILE D 399 5.81 -34.83 -9.10
C ILE D 399 5.37 -35.55 -10.37
N ILE D 400 5.39 -34.81 -11.49
CA ILE D 400 5.01 -35.35 -12.78
C ILE D 400 6.23 -35.72 -13.61
N LYS D 401 7.24 -34.85 -13.64
CA LYS D 401 8.31 -35.00 -14.63
C LYS D 401 9.54 -34.21 -14.21
N GLN D 402 10.70 -34.85 -14.27
CA GLN D 402 11.96 -34.13 -14.13
C GLN D 402 12.22 -33.28 -15.37
N LEU D 403 12.68 -32.05 -15.15
CA LEU D 403 12.92 -31.12 -16.25
C LEU D 403 14.32 -31.29 -16.81
N ASN D 404 14.44 -31.12 -18.12
CA ASN D 404 15.74 -31.21 -18.77
C ASN D 404 16.58 -29.97 -18.44
N LYS D 405 17.89 -30.14 -18.57
CA LYS D 405 18.81 -29.02 -18.35
C LYS D 405 18.64 -27.99 -19.46
N GLY D 406 18.78 -26.72 -19.09
CA GLY D 406 18.54 -25.62 -19.99
C GLY D 406 17.40 -24.74 -19.49
N CYS D 407 16.75 -24.06 -20.42
CA CYS D 407 15.62 -23.18 -20.13
C CYS D 407 14.36 -23.81 -20.69
N SER D 408 13.39 -24.07 -19.81
CA SER D 408 12.12 -24.66 -20.17
C SER D 408 10.98 -23.69 -19.85
N TYR D 409 9.92 -23.76 -20.64
CA TYR D 409 8.71 -22.99 -20.40
C TYR D 409 7.58 -23.94 -20.07
N ILE D 410 6.97 -23.76 -18.90
CA ILE D 410 5.88 -24.60 -18.43
C ILE D 410 4.61 -23.75 -18.44
N THR D 411 3.53 -24.32 -18.95
CA THR D 411 2.23 -23.66 -18.93
C THR D 411 1.47 -24.06 -17.66
N ASN D 412 0.61 -23.15 -17.19
CA ASN D 412 -0.26 -23.48 -16.08
C ASN D 412 -1.29 -24.55 -16.43
N GLN D 413 -1.37 -24.94 -17.70
CA GLN D 413 -2.20 -26.05 -18.13
C GLN D 413 -1.45 -27.38 -18.13
N ASP D 414 -0.12 -27.34 -18.19
CA ASP D 414 0.69 -28.56 -18.21
C ASP D 414 1.00 -29.06 -16.80
N ALA D 415 1.29 -28.15 -15.87
CA ALA D 415 1.61 -28.52 -14.50
C ALA D 415 1.07 -27.44 -13.57
N ASP D 416 1.12 -27.73 -12.27
CA ASP D 416 0.66 -26.80 -11.26
C ASP D 416 1.75 -26.32 -10.32
N THR D 417 2.86 -27.05 -10.21
CA THR D 417 3.94 -26.68 -9.31
C THR D 417 5.27 -26.93 -10.00
N VAL D 418 6.22 -26.03 -9.74
CA VAL D 418 7.60 -26.19 -10.17
C VAL D 418 8.44 -26.34 -8.91
N THR D 419 9.48 -27.17 -8.98
CA THR D 419 10.28 -27.48 -7.79
C THR D 419 11.75 -27.46 -8.21
N ILE D 420 12.49 -26.48 -7.69
CA ILE D 420 13.94 -26.42 -7.83
C ILE D 420 14.51 -26.78 -6.46
N ASP D 421 15.20 -27.92 -6.38
CA ASP D 421 15.73 -28.46 -5.12
C ASP D 421 14.56 -28.63 -4.17
N ASN D 422 14.58 -28.02 -2.99
CA ASN D 422 13.47 -28.14 -2.05
C ASN D 422 12.49 -26.98 -2.14
N THR D 423 12.71 -26.04 -3.07
CA THR D 423 11.83 -24.88 -3.21
C THR D 423 10.73 -25.21 -4.21
N VAL D 424 9.48 -24.92 -3.83
CA VAL D 424 8.31 -25.23 -4.64
C VAL D 424 7.52 -23.95 -4.89
N TYR D 425 7.27 -23.66 -6.17
CA TYR D 425 6.48 -22.51 -6.60
C TYR D 425 5.17 -23.00 -7.20
N GLN D 426 4.09 -22.29 -6.90
CA GLN D 426 2.75 -22.60 -7.38
C GLN D 426 2.43 -21.69 -8.56
N LEU D 427 1.90 -22.27 -9.63
CA LEU D 427 1.55 -21.51 -10.82
C LEU D 427 0.15 -20.91 -10.68
N SER D 428 -0.32 -20.25 -11.74
CA SER D 428 -1.63 -19.63 -11.74
C SER D 428 -2.70 -20.59 -12.25
N GLN E 20 -11.87 -9.38 -25.81
CA GLN E 20 -11.32 -8.04 -25.46
C GLN E 20 -11.25 -7.17 -26.71
N VAL E 21 -10.55 -7.66 -27.72
CA VAL E 21 -10.39 -6.97 -29.00
C VAL E 21 -10.63 -7.98 -30.11
N GLN E 22 -11.77 -7.89 -30.78
CA GLN E 22 -12.11 -8.76 -31.89
C GLN E 22 -11.87 -7.98 -33.18
N LEU E 23 -10.76 -8.28 -33.85
CA LEU E 23 -10.45 -7.66 -35.13
C LEU E 23 -11.39 -8.20 -36.21
N GLN E 24 -11.74 -7.32 -37.14
CA GLN E 24 -12.66 -7.65 -38.21
C GLN E 24 -12.19 -6.97 -39.49
N GLU E 25 -12.13 -7.73 -40.57
CA GLU E 25 -11.69 -7.24 -41.87
C GLU E 25 -12.88 -7.10 -42.81
N SER E 26 -12.81 -6.10 -43.69
CA SER E 26 -13.82 -5.86 -44.70
C SER E 26 -13.14 -5.37 -45.97
N GLY E 27 -13.91 -5.30 -47.05
CA GLY E 27 -13.44 -4.74 -48.29
C GLY E 27 -12.97 -5.74 -49.33
N GLY E 28 -12.84 -7.01 -48.97
CA GLY E 28 -12.44 -8.01 -49.93
C GLY E 28 -13.45 -8.19 -51.04
N GLY E 29 -13.09 -9.01 -52.02
CA GLY E 29 -13.98 -9.30 -53.11
C GLY E 29 -13.21 -9.71 -54.35
N LEU E 30 -13.91 -9.67 -55.49
CA LEU E 30 -13.37 -10.08 -56.78
C LEU E 30 -13.05 -8.84 -57.61
N VAL E 31 -11.94 -8.92 -58.34
CA VAL E 31 -11.53 -7.87 -59.26
C VAL E 31 -10.74 -8.51 -60.39
N GLN E 32 -10.58 -7.76 -61.48
CA GLN E 32 -9.78 -8.22 -62.60
C GLN E 32 -8.35 -7.72 -62.48
N PRO E 33 -7.40 -8.37 -63.12
CA PRO E 33 -6.00 -7.91 -63.04
C PRO E 33 -5.89 -6.43 -63.35
N GLY E 34 -5.05 -5.74 -62.59
CA GLY E 34 -4.96 -4.31 -62.65
C GLY E 34 -6.00 -3.56 -61.85
N GLY E 35 -6.95 -4.27 -61.24
CA GLY E 35 -7.98 -3.65 -60.44
C GLY E 35 -7.48 -3.22 -59.07
N SER E 36 -8.37 -2.57 -58.34
CA SER E 36 -8.03 -2.00 -57.04
C SER E 36 -8.98 -2.53 -55.98
N LEU E 37 -8.56 -2.40 -54.72
CA LEU E 37 -9.34 -2.84 -53.58
C LEU E 37 -8.95 -2.02 -52.38
N ARG E 38 -9.85 -1.96 -51.40
CA ARG E 38 -9.63 -1.19 -50.18
C ARG E 38 -10.02 -2.05 -48.97
N LEU E 39 -9.06 -2.80 -48.44
CA LEU E 39 -9.32 -3.59 -47.25
C LEU E 39 -9.29 -2.70 -46.02
N SER E 40 -10.15 -3.00 -45.06
CA SER E 40 -10.25 -2.22 -43.83
C SER E 40 -10.24 -3.17 -42.64
N CYS E 41 -9.60 -2.72 -41.56
CA CYS E 41 -9.47 -3.51 -40.34
C CYS E 41 -9.96 -2.66 -39.18
N ALA E 42 -10.93 -3.18 -38.44
CA ALA E 42 -11.52 -2.45 -37.32
C ALA E 42 -11.67 -3.38 -36.13
N ALA E 43 -11.95 -2.79 -34.98
CA ALA E 43 -12.23 -3.53 -33.75
C ALA E 43 -13.41 -2.83 -33.07
N SER E 44 -14.54 -3.52 -32.98
CA SER E 44 -15.74 -2.91 -32.43
C SER E 44 -15.49 -2.41 -31.02
N GLY E 45 -15.69 -1.11 -30.81
CA GLY E 45 -15.52 -0.52 -29.50
C GLY E 45 -14.10 -0.34 -29.04
N VAL E 46 -13.14 -0.44 -29.95
CA VAL E 46 -11.73 -0.24 -29.63
C VAL E 46 -11.06 0.48 -30.80
N SER E 47 -10.37 1.57 -30.50
CA SER E 47 -9.64 2.32 -31.51
C SER E 47 -8.27 1.70 -31.73
N LEU E 48 -7.94 1.44 -32.99
CA LEU E 48 -6.63 0.90 -33.36
C LEU E 48 -5.60 1.99 -33.61
N ALA E 49 -5.82 3.18 -33.05
CA ALA E 49 -4.93 4.31 -33.33
C ALA E 49 -3.50 4.01 -32.89
N TRP E 50 -3.33 3.58 -31.64
CA TRP E 50 -2.02 3.28 -31.08
C TRP E 50 -1.72 1.79 -31.07
N TYR E 51 -2.34 1.04 -31.99
CA TYR E 51 -2.05 -0.37 -32.19
C TYR E 51 -1.16 -0.53 -33.41
N ALA E 52 -0.01 -1.18 -33.23
CA ALA E 52 0.78 -1.62 -34.37
C ALA E 52 0.03 -2.74 -35.08
N ILE E 53 -0.39 -2.49 -36.31
CA ILE E 53 -1.31 -3.39 -37.00
C ILE E 53 -0.61 -3.97 -38.21
N GLY E 54 -0.80 -5.26 -38.43
CA GLY E 54 -0.19 -5.98 -39.54
C GLY E 54 -1.23 -6.64 -40.43
N TRP E 55 -0.97 -6.60 -41.72
CA TRP E 55 -1.77 -7.32 -42.72
C TRP E 55 -0.95 -8.51 -43.20
N PHE E 56 -1.52 -9.71 -43.02
CA PHE E 56 -0.98 -10.97 -43.49
C PHE E 56 -1.89 -11.52 -44.57
N ARG E 57 -1.35 -12.45 -45.37
CA ARG E 57 -2.16 -13.07 -46.42
C ARG E 57 -1.73 -14.52 -46.59
N GLN E 58 -2.70 -15.37 -46.88
CA GLN E 58 -2.46 -16.79 -47.11
C GLN E 58 -3.07 -17.18 -48.45
N ALA E 59 -2.25 -17.70 -49.34
CA ALA E 59 -2.71 -18.13 -50.64
C ALA E 59 -3.04 -19.61 -50.61
N PRO E 60 -3.94 -20.08 -51.48
CA PRO E 60 -4.28 -21.50 -51.48
C PRO E 60 -3.05 -22.35 -51.72
N GLY E 61 -2.78 -23.25 -50.78
CA GLY E 61 -1.65 -24.16 -50.86
C GLY E 61 -0.39 -23.68 -50.16
N LYS E 62 -0.12 -22.38 -50.22
CA LYS E 62 1.06 -21.82 -49.60
C LYS E 62 0.78 -21.45 -48.14
N ASP E 63 1.83 -21.05 -47.44
CA ASP E 63 1.74 -20.67 -46.03
C ASP E 63 1.52 -19.16 -45.89
N ARG E 64 1.06 -18.77 -44.71
CA ARG E 64 0.69 -17.38 -44.47
C ARG E 64 1.91 -16.50 -44.30
N GLU E 65 1.98 -15.43 -45.08
CA GLU E 65 3.09 -14.48 -45.03
C GLU E 65 2.56 -13.12 -44.62
N GLY E 66 3.32 -12.41 -43.80
CA GLY E 66 2.99 -11.05 -43.43
C GLY E 66 3.46 -10.09 -44.49
N ILE E 67 2.53 -9.31 -45.06
CA ILE E 67 2.87 -8.51 -46.23
C ILE E 67 3.03 -7.04 -45.86
N SER E 68 2.36 -6.59 -44.80
CA SER E 68 2.48 -5.17 -44.46
C SER E 68 2.29 -4.95 -42.98
N CYS E 69 2.82 -3.84 -42.48
CA CYS E 69 2.51 -3.44 -41.11
C CYS E 69 2.73 -1.95 -40.93
N ILE E 70 2.05 -1.40 -39.93
CA ILE E 70 2.13 0.01 -39.56
C ILE E 70 2.36 0.10 -38.07
N SER E 71 3.17 1.06 -37.66
CA SER E 71 3.61 1.18 -36.29
C SER E 71 2.66 2.06 -35.47
N ALA E 72 2.76 1.90 -34.15
CA ALA E 72 1.90 2.62 -33.22
C ALA E 72 2.40 4.00 -32.88
N SER E 73 3.66 4.29 -33.20
CA SER E 73 4.35 5.46 -32.66
C SER E 73 4.40 6.59 -33.69
N ASP E 74 5.24 6.45 -34.71
CA ASP E 74 5.01 7.10 -35.99
C ASP E 74 4.27 6.09 -36.87
N ASP E 75 3.67 6.58 -37.94
CA ASP E 75 2.95 5.67 -38.83
C ASP E 75 3.91 5.04 -39.83
N SER E 76 5.16 4.81 -39.41
CA SER E 76 6.12 4.13 -40.27
C SER E 76 5.54 2.82 -40.76
N THR E 77 5.90 2.44 -41.98
CA THR E 77 5.30 1.30 -42.64
C THR E 77 6.37 0.30 -43.07
N TYR E 78 5.96 -0.96 -43.14
CA TYR E 78 6.74 -2.01 -43.78
C TYR E 78 5.87 -2.66 -44.85
N TYR E 79 6.44 -2.83 -46.05
CA TYR E 79 5.80 -3.56 -47.14
C TYR E 79 6.75 -4.66 -47.59
N ARG E 80 6.23 -5.88 -47.72
CA ARG E 80 7.01 -6.94 -48.33
C ARG E 80 7.21 -6.64 -49.82
N ASP E 81 8.35 -7.10 -50.35
CA ASP E 81 8.70 -6.75 -51.73
C ASP E 81 7.65 -7.25 -52.72
N SER E 82 6.93 -8.31 -52.38
CA SER E 82 5.89 -8.80 -53.28
C SER E 82 4.87 -7.71 -53.60
N VAL E 83 4.57 -6.85 -52.64
CA VAL E 83 3.50 -5.87 -52.77
C VAL E 83 4.00 -4.43 -52.71
N LYS E 84 5.26 -4.20 -52.36
CA LYS E 84 5.77 -2.84 -52.24
C LYS E 84 5.49 -2.05 -53.53
N GLY E 85 5.05 -0.81 -53.35
CA GLY E 85 4.69 0.05 -54.45
C GLY E 85 3.26 -0.09 -54.91
N ARG E 86 2.66 -1.27 -54.72
CA ARG E 86 1.30 -1.52 -55.15
C ARG E 86 0.28 -1.46 -54.02
N VAL E 87 0.73 -1.35 -52.77
CA VAL E 87 -0.18 -1.27 -51.62
C VAL E 87 0.26 -0.15 -50.69
N THR E 88 -0.72 0.38 -49.95
CA THR E 88 -0.48 1.48 -49.02
C THR E 88 -1.30 1.25 -47.77
N ILE E 89 -0.63 1.20 -46.61
CA ILE E 89 -1.28 1.02 -45.33
C ILE E 89 -1.32 2.36 -44.62
N SER E 90 -2.47 2.67 -44.01
CA SER E 90 -2.71 3.98 -43.41
C SER E 90 -3.76 3.82 -42.32
N ARG E 91 -4.06 4.92 -41.64
CA ARG E 91 -5.09 4.95 -40.61
C ARG E 91 -6.26 5.81 -41.07
N ASP E 92 -7.46 5.43 -40.66
CA ASP E 92 -8.68 6.01 -41.19
C ASP E 92 -9.75 6.01 -40.12
N ASN E 93 -10.86 6.68 -40.42
CA ASN E 93 -12.03 6.78 -39.55
C ASN E 93 -11.62 7.32 -38.17
N GLY E 94 -11.07 8.53 -38.19
CA GLY E 94 -10.57 9.13 -36.97
C GLY E 94 -9.43 8.39 -36.35
N ARG E 95 -8.58 7.76 -37.17
CA ARG E 95 -7.46 6.95 -36.71
C ARG E 95 -7.92 5.76 -35.87
N ASN E 96 -9.16 5.31 -36.07
CA ASN E 96 -9.69 4.15 -35.37
C ASN E 96 -9.59 2.87 -36.16
N THR E 97 -9.52 2.94 -37.50
CA THR E 97 -9.40 1.78 -38.35
C THR E 97 -8.09 1.84 -39.13
N VAL E 98 -7.68 0.70 -39.67
CA VAL E 98 -6.46 0.61 -40.47
C VAL E 98 -6.87 0.20 -41.89
N LEU E 99 -6.45 1.00 -42.86
CA LEU E 99 -6.82 0.82 -44.26
C LEU E 99 -5.63 0.30 -45.04
N LEU E 100 -5.87 -0.69 -45.90
CA LEU E 100 -4.89 -1.21 -46.85
C LEU E 100 -5.46 -1.01 -48.25
N GLN E 101 -4.95 -0.01 -48.96
CA GLN E 101 -5.30 0.21 -50.35
C GLN E 101 -4.40 -0.66 -51.22
N MET E 102 -4.98 -1.26 -52.25
CA MET E 102 -4.26 -2.15 -53.16
C MET E 102 -4.58 -1.76 -54.59
N ASN E 103 -3.53 -1.47 -55.36
CA ASN E 103 -3.67 -1.10 -56.76
C ASN E 103 -2.88 -2.07 -57.63
N SER E 104 -3.25 -2.13 -58.91
CA SER E 104 -2.59 -2.98 -59.89
C SER E 104 -2.46 -4.41 -59.35
N LEU E 105 -3.62 -5.01 -59.09
CA LEU E 105 -3.65 -6.35 -58.51
C LEU E 105 -3.35 -7.39 -59.57
N LYS E 106 -2.55 -8.39 -59.18
CA LYS E 106 -2.16 -9.50 -60.02
C LYS E 106 -2.85 -10.78 -59.56
N PRO E 107 -2.98 -11.78 -60.44
CA PRO E 107 -3.55 -13.07 -59.99
C PRO E 107 -2.79 -13.69 -58.83
N GLU E 108 -1.52 -13.32 -58.62
CA GLU E 108 -0.77 -13.86 -57.49
C GLU E 108 -1.25 -13.31 -56.16
N ASP E 109 -2.04 -12.24 -56.16
CA ASP E 109 -2.55 -11.65 -54.92
C ASP E 109 -3.80 -12.34 -54.42
N THR E 110 -4.37 -13.26 -55.19
CA THR E 110 -5.55 -14.00 -54.73
C THR E 110 -5.21 -14.75 -53.46
N ALA E 111 -5.92 -14.45 -52.38
CA ALA E 111 -5.61 -15.06 -51.08
C ALA E 111 -6.60 -14.54 -50.04
N VAL E 112 -6.52 -15.13 -48.85
CA VAL E 112 -7.28 -14.66 -47.70
C VAL E 112 -6.38 -13.72 -46.91
N TYR E 113 -6.84 -12.48 -46.74
CA TYR E 113 -6.07 -11.44 -46.06
C TYR E 113 -6.60 -11.28 -44.64
N TYR E 114 -5.69 -11.43 -43.67
CA TYR E 114 -6.00 -11.31 -42.25
C TYR E 114 -5.37 -10.05 -41.68
N CYS E 115 -6.05 -9.46 -40.69
CA CYS E 115 -5.53 -8.34 -39.91
C CYS E 115 -5.12 -8.87 -38.54
N ALA E 116 -4.04 -8.30 -37.99
CA ALA E 116 -3.53 -8.80 -36.73
C ALA E 116 -2.86 -7.68 -35.95
N THR E 117 -2.78 -7.86 -34.64
CA THR E 117 -1.93 -7.04 -33.79
C THR E 117 -0.56 -7.71 -33.72
N LEU E 118 0.46 -6.90 -33.46
CA LEU E 118 1.83 -7.36 -33.53
C LEU E 118 2.42 -7.52 -32.13
N ARG E 119 3.55 -8.23 -32.08
CA ARG E 119 4.19 -8.52 -30.81
C ARG E 119 4.82 -7.26 -30.23
N ALA E 120 4.54 -7.02 -28.95
CA ALA E 120 5.03 -5.84 -28.23
C ALA E 120 4.62 -4.54 -28.89
N ASN E 121 3.63 -4.59 -29.79
CA ASN E 121 3.15 -3.41 -30.50
C ASN E 121 4.27 -2.79 -31.33
N TYR E 122 4.97 -3.64 -32.07
CA TYR E 122 6.17 -3.24 -32.79
C TYR E 122 6.05 -3.67 -34.25
N CYS E 123 6.19 -2.70 -35.15
CA CYS E 123 6.19 -2.94 -36.60
C CYS E 123 7.55 -2.54 -37.13
N SER E 124 8.32 -3.52 -37.58
CA SER E 124 9.65 -3.28 -38.14
C SER E 124 10.13 -4.53 -38.87
N GLY E 125 10.10 -4.50 -40.20
CA GLY E 125 10.45 -5.66 -40.99
C GLY E 125 9.29 -6.64 -41.04
N PRO E 126 9.57 -7.86 -41.49
CA PRO E 126 8.51 -8.89 -41.55
C PRO E 126 7.72 -8.94 -40.25
N PRO E 127 6.42 -8.67 -40.30
CA PRO E 127 5.66 -8.56 -39.05
C PRO E 127 5.57 -9.89 -38.32
N THR E 128 5.53 -9.80 -36.99
CA THR E 128 5.41 -10.96 -36.11
C THR E 128 4.03 -10.90 -35.45
N LEU E 129 3.26 -11.97 -35.64
CA LEU E 129 1.89 -12.01 -35.12
C LEU E 129 1.88 -11.81 -33.61
N GLY E 130 0.80 -11.21 -33.12
CA GLY E 130 0.69 -10.83 -31.72
C GLY E 130 -0.60 -11.33 -31.10
N PRO E 131 -1.10 -10.60 -30.10
CA PRO E 131 -2.22 -11.14 -29.30
C PRO E 131 -3.49 -11.43 -30.08
N TYR E 132 -3.87 -10.56 -31.01
CA TYR E 132 -5.18 -10.62 -31.64
C TYR E 132 -5.05 -10.80 -33.15
N LEU E 133 -5.89 -11.65 -33.72
CA LEU E 133 -5.92 -11.94 -35.14
C LEU E 133 -7.37 -11.95 -35.60
N GLY E 134 -7.62 -11.36 -36.76
CA GLY E 134 -8.96 -11.30 -37.31
C GLY E 134 -9.38 -12.61 -37.96
N GLN E 135 -10.55 -12.57 -38.58
CA GLN E 135 -11.11 -13.77 -39.20
C GLN E 135 -10.66 -13.94 -40.64
N GLY E 136 -10.45 -12.84 -41.36
CA GLY E 136 -9.96 -12.89 -42.73
C GLY E 136 -11.01 -12.44 -43.72
N THR E 137 -10.52 -11.97 -44.87
CA THR E 137 -11.36 -11.53 -45.96
C THR E 137 -10.79 -12.06 -47.26
N GLN E 138 -11.64 -12.54 -48.16
CA GLN E 138 -11.18 -13.12 -49.40
C GLN E 138 -10.91 -12.04 -50.44
N VAL E 139 -9.80 -12.19 -51.17
CA VAL E 139 -9.45 -11.32 -52.28
C VAL E 139 -9.15 -12.21 -53.48
N THR E 140 -9.84 -11.98 -54.58
CA THR E 140 -9.67 -12.78 -55.78
C THR E 140 -9.41 -11.86 -56.96
N VAL E 141 -8.43 -12.24 -57.78
CA VAL E 141 -8.04 -11.48 -58.96
C VAL E 141 -8.18 -12.39 -60.16
N SER E 142 -9.17 -12.12 -61.02
CA SER E 142 -9.42 -12.92 -62.21
C SER E 142 -8.18 -13.03 -63.08
N GLN F 20 20.62 -1.31 8.36
CA GLN F 20 20.72 -0.99 6.91
C GLN F 20 22.19 -0.99 6.47
N VAL F 21 22.40 -0.99 5.17
CA VAL F 21 23.75 -1.01 4.61
C VAL F 21 24.31 0.40 4.58
N GLN F 22 25.63 0.51 4.62
CA GLN F 22 26.32 1.79 4.52
C GLN F 22 27.56 1.60 3.66
N LEU F 23 27.67 2.40 2.60
CA LEU F 23 28.68 2.23 1.57
C LEU F 23 29.74 3.32 1.67
N GLN F 24 31.00 2.92 1.50
CA GLN F 24 32.15 3.84 1.55
C GLN F 24 32.83 3.82 0.20
N GLU F 25 32.89 4.98 -0.44
CA GLU F 25 33.45 5.12 -1.77
C GLU F 25 34.89 5.65 -1.70
N SER F 26 35.62 5.47 -2.80
CA SER F 26 36.99 5.95 -2.87
C SER F 26 37.49 5.83 -4.30
N GLY F 27 38.53 6.61 -4.61
CA GLY F 27 39.21 6.53 -5.88
C GLY F 27 39.07 7.74 -6.78
N GLY F 28 38.37 8.79 -6.33
CA GLY F 28 38.15 9.94 -7.17
C GLY F 28 39.43 10.64 -7.56
N GLY F 29 39.30 11.62 -8.44
CA GLY F 29 40.43 12.39 -8.87
C GLY F 29 40.16 13.09 -10.19
N SER F 30 41.17 13.84 -10.63
CA SER F 30 41.12 14.62 -11.87
C SER F 30 42.22 14.11 -12.78
N VAL F 31 41.84 13.42 -13.85
CA VAL F 31 42.80 12.88 -14.81
C VAL F 31 42.70 13.67 -16.11
N GLN F 32 43.47 13.26 -17.11
CA GLN F 32 43.47 13.88 -18.43
C GLN F 32 42.81 12.98 -19.45
N PRO F 33 42.33 13.53 -20.56
CA PRO F 33 41.65 12.71 -21.57
C PRO F 33 42.49 11.53 -22.01
N GLY F 34 41.91 10.33 -21.95
CA GLY F 34 42.58 9.11 -22.32
C GLY F 34 43.19 8.34 -21.16
N ASP F 35 43.13 8.87 -19.95
CA ASP F 35 43.76 8.23 -18.81
C ASP F 35 42.86 7.10 -18.27
N SER F 36 43.37 6.39 -17.26
CA SER F 36 42.66 5.30 -16.62
C SER F 36 42.52 5.60 -15.13
N LEU F 37 41.51 5.00 -14.50
CA LEU F 37 41.23 5.27 -13.10
C LEU F 37 40.39 4.14 -12.53
N ARG F 38 40.66 3.77 -11.28
CA ARG F 38 39.92 2.71 -10.60
C ARG F 38 39.19 3.27 -9.39
N LEU F 39 37.87 3.14 -9.37
CA LEU F 39 37.04 3.49 -8.23
C LEU F 39 36.72 2.24 -7.43
N SER F 40 36.39 2.43 -6.16
CA SER F 40 36.11 1.33 -5.26
C SER F 40 34.98 1.70 -4.31
N CYS F 41 34.12 0.74 -4.00
CA CYS F 41 33.02 0.93 -3.06
C CYS F 41 32.94 -0.29 -2.15
N ALA F 42 33.09 -0.06 -0.85
CA ALA F 42 33.05 -1.12 0.15
C ALA F 42 31.83 -0.93 1.05
N ALA F 43 31.02 -1.98 1.15
CA ALA F 43 29.77 -1.90 1.89
C ALA F 43 29.95 -2.39 3.32
N SER F 44 28.91 -2.18 4.12
CA SER F 44 28.94 -2.64 5.51
C SER F 44 28.98 -4.16 5.59
N GLY F 45 28.25 -4.83 4.71
CA GLY F 45 28.19 -6.28 4.73
C GLY F 45 27.76 -6.84 3.39
N ARG F 46 27.08 -7.98 3.43
CA ARG F 46 26.65 -8.66 2.23
C ARG F 46 25.58 -7.83 1.51
N THR F 47 25.75 -7.65 0.21
CA THR F 47 24.81 -6.91 -0.62
C THR F 47 24.59 -7.68 -1.91
N ASN F 48 23.33 -8.03 -2.18
CA ASN F 48 23.00 -8.77 -3.39
C ASN F 48 23.39 -7.97 -4.62
N LEU F 49 22.69 -6.88 -4.88
CA LEU F 49 22.95 -6.04 -6.04
C LEU F 49 23.80 -4.85 -5.60
N MET F 50 25.01 -4.75 -6.12
CA MET F 50 25.87 -3.60 -5.87
C MET F 50 26.32 -3.03 -7.21
N GLY F 51 26.17 -1.72 -7.39
CA GLY F 51 26.50 -1.09 -8.64
C GLY F 51 26.91 0.35 -8.47
N TRP F 52 27.21 0.97 -9.61
CA TRP F 52 27.65 2.35 -9.69
C TRP F 52 26.75 3.12 -10.63
N PHE F 53 26.19 4.22 -10.15
CA PHE F 53 25.52 5.22 -10.94
C PHE F 53 26.40 6.48 -10.97
N ARG F 54 26.05 7.43 -11.82
CA ARG F 54 26.84 8.65 -11.90
C ARG F 54 25.96 9.81 -12.34
N GLN F 55 26.24 11.00 -11.81
CA GLN F 55 25.52 12.21 -12.16
C GLN F 55 26.51 13.27 -12.58
N ALA F 56 26.37 13.76 -13.81
CA ALA F 56 27.25 14.82 -14.28
C ALA F 56 26.63 16.19 -13.96
N PRO F 57 27.46 17.22 -13.80
CA PRO F 57 26.91 18.55 -13.48
C PRO F 57 25.88 19.00 -14.51
N GLY F 58 24.68 19.30 -14.03
CA GLY F 58 23.61 19.78 -14.87
C GLY F 58 22.72 18.71 -15.46
N LYS F 59 23.06 17.43 -15.27
CA LYS F 59 22.30 16.32 -15.81
C LYS F 59 21.83 15.41 -14.67
N GLU F 60 21.18 14.31 -15.04
CA GLU F 60 20.59 13.40 -14.09
C GLU F 60 21.53 12.23 -13.79
N ARG F 61 21.21 11.50 -12.72
CA ARG F 61 22.00 10.35 -12.32
C ARG F 61 21.66 9.17 -13.21
N ASP F 62 22.69 8.58 -13.82
CA ASP F 62 22.52 7.50 -14.79
C ASP F 62 23.28 6.27 -14.33
N PHE F 63 22.74 5.11 -14.70
CA PHE F 63 23.36 3.84 -14.38
C PHE F 63 24.68 3.68 -15.14
N VAL F 64 25.69 3.18 -14.44
CA VAL F 64 27.00 2.89 -15.02
C VAL F 64 27.25 1.39 -15.09
N ALA F 65 27.14 0.71 -13.95
CA ALA F 65 27.42 -0.72 -13.91
C ALA F 65 26.77 -1.32 -12.68
N ALA F 66 26.70 -2.65 -12.66
CA ALA F 66 26.16 -3.31 -11.48
C ALA F 66 26.47 -4.80 -11.54
N ILE F 67 26.39 -5.45 -10.38
CA ILE F 67 26.64 -6.87 -10.22
C ILE F 67 25.63 -7.40 -9.22
N ARG F 68 24.85 -8.40 -9.63
CA ARG F 68 23.93 -9.10 -8.74
C ARG F 68 24.51 -10.48 -8.45
N TRP F 69 24.67 -10.80 -7.17
CA TRP F 69 25.23 -12.09 -6.78
C TRP F 69 24.18 -13.19 -6.77
N SER F 70 22.92 -12.84 -6.51
CA SER F 70 21.85 -13.82 -6.59
C SER F 70 21.84 -14.52 -7.94
N THR F 71 22.14 -13.78 -9.01
CA THR F 71 22.21 -14.32 -10.36
C THR F 71 23.64 -14.42 -10.87
N ARG F 72 24.62 -13.97 -10.09
CA ARG F 72 26.02 -13.96 -10.52
C ARG F 72 26.16 -13.35 -11.91
N THR F 73 25.57 -12.17 -12.08
CA THR F 73 25.56 -11.50 -13.38
C THR F 73 26.01 -10.06 -13.23
N THR F 74 26.52 -9.52 -14.33
CA THR F 74 27.06 -8.17 -14.39
C THR F 74 26.43 -7.41 -15.55
N GLY F 75 26.05 -6.18 -15.29
CA GLY F 75 25.45 -5.32 -16.30
C GLY F 75 26.23 -4.03 -16.45
N TYR F 76 26.32 -3.54 -17.69
CA TYR F 76 26.97 -2.29 -18.03
C TYR F 76 25.99 -1.37 -18.76
N ALA F 77 26.36 -0.10 -18.86
CA ALA F 77 25.62 0.86 -19.66
C ALA F 77 26.27 0.98 -21.04
N ASP F 78 25.44 1.31 -22.03
CA ASP F 78 25.94 1.35 -23.41
C ASP F 78 27.05 2.37 -23.58
N SER F 79 27.02 3.47 -22.82
CA SER F 79 28.04 4.50 -22.97
C SER F 79 29.39 4.04 -22.41
N VAL F 80 29.38 3.18 -21.41
CA VAL F 80 30.62 2.73 -20.79
C VAL F 80 31.05 1.34 -21.25
N LYS F 81 30.22 0.65 -22.03
CA LYS F 81 30.56 -0.70 -22.46
C LYS F 81 31.77 -0.66 -23.38
N GLY F 82 32.78 -1.47 -23.05
CA GLY F 82 33.99 -1.52 -23.83
C GLY F 82 35.16 -0.85 -23.15
N ARG F 83 34.91 0.28 -22.49
CA ARG F 83 35.96 1.02 -21.81
C ARG F 83 35.98 0.80 -20.30
N PHE F 84 34.83 0.56 -19.68
CA PHE F 84 34.75 0.35 -18.25
C PHE F 84 34.61 -1.15 -17.96
N SER F 85 34.90 -1.50 -16.71
CA SER F 85 34.77 -2.88 -16.26
C SER F 85 34.51 -2.90 -14.77
N ILE F 86 33.47 -3.64 -14.36
CA ILE F 86 33.05 -3.70 -12.95
C ILE F 86 33.40 -5.09 -12.43
N SER F 87 34.06 -5.10 -11.27
CA SER F 87 34.49 -6.32 -10.59
C SER F 87 33.92 -6.32 -9.18
N ARG F 88 34.02 -7.46 -8.50
CA ARG F 88 33.49 -7.59 -7.15
C ARG F 88 34.23 -8.67 -6.38
N ASP F 89 34.63 -8.34 -5.16
CA ASP F 89 35.15 -9.30 -4.19
C ASP F 89 34.04 -9.47 -3.14
N ASN F 90 33.35 -10.60 -3.21
CA ASN F 90 32.23 -10.83 -2.30
C ASN F 90 32.69 -11.15 -0.89
N ALA F 91 33.89 -11.72 -0.75
CA ALA F 91 34.45 -11.92 0.58
C ALA F 91 34.70 -10.59 1.27
N LYS F 92 35.18 -9.60 0.52
CA LYS F 92 35.41 -8.26 1.04
C LYS F 92 34.18 -7.36 0.92
N ASN F 93 33.06 -7.90 0.42
CA ASN F 93 31.84 -7.12 0.21
C ASN F 93 32.16 -5.79 -0.46
N THR F 94 32.98 -5.85 -1.50
CA THR F 94 33.46 -4.65 -2.18
C THR F 94 33.30 -4.81 -3.68
N VAL F 95 33.03 -3.69 -4.36
CA VAL F 95 32.96 -3.65 -5.81
C VAL F 95 33.99 -2.65 -6.30
N TYR F 96 34.49 -2.88 -7.52
CA TYR F 96 35.55 -2.09 -8.11
C TYR F 96 35.15 -1.74 -9.54
N LEU F 97 35.64 -0.61 -10.02
CA LEU F 97 35.27 -0.10 -11.33
C LEU F 97 36.49 0.49 -12.01
N GLN F 98 36.99 -0.20 -13.04
CA GLN F 98 38.09 0.31 -13.84
C GLN F 98 37.53 1.08 -15.03
N MET F 99 38.14 2.22 -15.33
CA MET F 99 37.68 3.13 -16.37
C MET F 99 38.86 3.50 -17.25
N ASN F 100 38.78 3.17 -18.53
CA ASN F 100 39.84 3.40 -19.50
C ASN F 100 39.38 4.41 -20.55
N SER F 101 40.35 4.93 -21.29
CA SER F 101 40.11 5.96 -22.31
C SER F 101 39.08 6.97 -21.83
N LEU F 102 39.27 7.44 -20.59
CA LEU F 102 38.36 8.40 -20.02
C LEU F 102 38.25 9.63 -20.91
N GLN F 103 37.02 10.12 -21.08
CA GLN F 103 36.70 11.23 -21.95
C GLN F 103 36.04 12.34 -21.14
N PRO F 104 36.17 13.60 -21.57
CA PRO F 104 35.48 14.69 -20.87
C PRO F 104 34.00 14.42 -20.60
N GLU F 105 33.42 13.45 -21.31
CA GLU F 105 32.01 13.10 -21.11
C GLU F 105 31.78 12.20 -19.90
N ASP F 106 32.84 11.65 -19.31
CA ASP F 106 32.74 10.79 -18.14
C ASP F 106 32.97 11.55 -16.84
N THR F 107 33.12 12.87 -16.91
CA THR F 107 33.28 13.66 -15.69
C THR F 107 31.95 13.74 -14.94
N ALA F 108 31.96 13.37 -13.67
CA ALA F 108 30.72 13.33 -12.90
C ALA F 108 31.02 12.94 -11.45
N VAL F 109 29.99 13.06 -10.62
CA VAL F 109 30.00 12.49 -9.27
C VAL F 109 29.48 11.07 -9.41
N TYR F 110 30.36 10.08 -9.17
CA TYR F 110 29.99 8.69 -9.21
C TYR F 110 29.50 8.26 -7.83
N TYR F 111 28.26 7.81 -7.76
CA TYR F 111 27.66 7.31 -6.53
C TYR F 111 27.59 5.79 -6.61
N CYS F 112 27.76 5.15 -5.45
CA CYS F 112 27.70 3.70 -5.32
C CYS F 112 26.38 3.33 -4.66
N ALA F 113 25.67 2.37 -5.27
CA ALA F 113 24.37 1.94 -4.79
C ALA F 113 24.40 0.46 -4.48
N ALA F 114 23.53 0.04 -3.56
CA ALA F 114 23.50 -1.34 -3.10
C ALA F 114 22.07 -1.74 -2.79
N ASP F 115 21.85 -3.07 -2.75
CA ASP F 115 20.55 -3.64 -2.45
C ASP F 115 20.67 -4.66 -1.34
N VAL F 116 19.57 -4.87 -0.61
CA VAL F 116 19.52 -5.83 0.48
C VAL F 116 19.12 -7.21 -0.06
N TYR F 120 14.62 -10.20 -6.94
CA TYR F 120 15.17 -9.70 -8.19
C TYR F 120 14.51 -8.37 -8.57
N SER F 121 15.27 -7.52 -9.28
CA SER F 121 14.78 -6.26 -9.81
C SER F 121 15.85 -5.71 -10.74
N SER F 122 15.41 -4.99 -11.76
CA SER F 122 16.33 -4.49 -12.78
C SER F 122 17.46 -3.71 -12.15
N MET F 123 18.69 -4.03 -12.55
CA MET F 123 19.87 -3.33 -12.06
C MET F 123 20.11 -2.01 -12.79
N TYR F 124 19.36 -1.73 -13.86
CA TYR F 124 19.56 -0.53 -14.67
C TYR F 124 18.76 0.66 -14.16
N TYR F 125 18.10 0.53 -13.01
CA TYR F 125 17.21 1.58 -12.50
C TYR F 125 17.47 1.79 -11.03
N ALA F 126 17.63 3.06 -10.64
CA ALA F 126 18.05 3.40 -9.28
C ALA F 126 16.98 3.11 -8.25
N ARG F 127 15.70 3.18 -8.63
CA ARG F 127 14.63 2.97 -7.66
C ARG F 127 14.76 1.64 -6.95
N ASN F 128 15.39 0.64 -7.58
CA ASN F 128 15.55 -0.68 -7.00
C ASN F 128 16.77 -0.77 -6.08
N TYR F 129 17.54 0.29 -5.96
CA TYR F 129 18.64 0.38 -5.01
C TYR F 129 18.20 1.21 -3.81
N ASP F 130 18.43 0.68 -2.60
CA ASP F 130 17.95 1.32 -1.38
C ASP F 130 19.06 1.97 -0.55
N ALA F 131 20.32 1.61 -0.77
CA ALA F 131 21.45 2.19 -0.06
C ALA F 131 22.32 2.97 -1.03
N TRP F 132 22.70 4.19 -0.64
CA TRP F 132 23.49 5.08 -1.48
C TRP F 132 24.64 5.68 -0.69
N GLY F 133 25.75 5.94 -1.38
CA GLY F 133 26.92 6.51 -0.77
C GLY F 133 26.99 8.02 -0.94
N GLN F 134 28.03 8.61 -0.35
CA GLN F 134 28.18 10.06 -0.37
C GLN F 134 28.57 10.58 -1.74
N GLY F 135 29.35 9.80 -2.49
CA GLY F 135 29.77 10.20 -3.82
C GLY F 135 31.27 10.30 -3.96
N THR F 136 31.76 10.30 -5.20
CA THR F 136 33.18 10.44 -5.47
C THR F 136 33.35 11.19 -6.78
N GLN F 137 34.19 12.23 -6.75
CA GLN F 137 34.34 13.10 -7.91
C GLN F 137 35.32 12.50 -8.91
N VAL F 138 34.94 12.50 -10.19
CA VAL F 138 35.82 12.10 -11.28
C VAL F 138 35.80 13.21 -12.31
N THR F 139 36.95 13.84 -12.53
CA THR F 139 37.08 14.93 -13.48
C THR F 139 38.02 14.52 -14.60
N VAL F 140 37.70 14.95 -15.82
CA VAL F 140 38.51 14.66 -17.00
C VAL F 140 38.82 15.97 -17.70
N SER F 141 40.10 16.33 -17.75
CA SER F 141 40.55 17.57 -18.38
C SER F 141 40.16 17.59 -19.86
#